data_9W74
#
_entry.id   9W74
#
_cell.length_a   1.00
_cell.length_b   1.00
_cell.length_c   1.00
_cell.angle_alpha   90.00
_cell.angle_beta   90.00
_cell.angle_gamma   90.00
#
_symmetry.space_group_name_H-M   'P 1'
#
loop_
_entity.id
_entity.type
_entity.pdbx_description
1 polymer 'Histone H3.2'
2 polymer 'Histone H4'
3 polymer 'Histone H2A type 1'
4 polymer 'Histone H2B 1.1'
5 polymer 'DNA (207-MER)'
6 polymer 'DNA (207-MER)'
#
loop_
_entity_poly.entity_id
_entity_poly.type
_entity_poly.pdbx_seq_one_letter_code
_entity_poly.pdbx_strand_id
1 'polypeptide(L)'
;MARTKQTARKSTGGKAPRKQLATKAARKSAPATGGVKKPHRYRPGTVALREIRRYQKSTELLIRKLPFQRLVREIAQDFK
TDLRFQSSAVMALQEASEAYLVALFEDTNLCAIHAKRVTIMPKDIQLARRIRGERA
;
A,E,K,O
2 'polypeptide(L)'
;MSGRGKGGKGLGKGGAKRHRKVLRDNIQGITKPAIRRLARRGGVKRISGLIYEETRGVLKVFLENVIRDAVTYTEHAKRK
TVTAMDVVYALKRQGRTLYGFGGSSGLVPRGSLEHHHHHH
;
B,F,L,P
3 'polypeptide(L)'
;MKETAAAKFERQHMDSPDLHHHHHHGTLVPRGSMGMSGRGKQGGKTRAKAKTRSSRAGLQFPVGRVHRLLRKGNYAERVG
AGAPVYLAAVLEYLTAEILELAGNAARDNKKTRIIPRHLQLAVRNDEELNKLLGRVTIAQGGVLPNIQSVLLPKKTESSK
SAKSK
;
C,M
4 'polypeptide(L)'
;MAKSAPAPKKGSKKAVTKTQKKDGKKRRKTRKESYAIYVYKVLKQVHPDTGISSKAMSIMNSFVNDVFERIAGEASRLAH
YNKRSTITSREIQTAVRLLLPGELAKHAVSEGTKAVTKYTSAK
;
D,N
5 'polydeoxyribonucleotide'
;(DA)(DA)(DA)(DA)(DA)(DA)(DA)(DA)(DA)(DA)(DA)(DA)(DA)(DA)(DA)(DA)(DA)(DA)(DA)(DA)
(DA)(DA)(DA)(DA)(DA)(DA)(DA)(DA)(DA)(DA)(DA)(DA)(DA)(DA)(DA)(DA)(DA)(DA)(DA)(DA)
(DA)(DA)(DA)(DA)(DA)(DA)(DA)(DA)(DA)(DA)(DA)(DA)(DA)(DA)(DA)(DA)(DA)(DA)(DA)(DA)
(DA)(DA)(DA)(DA)(DA)(DA)(DA)(DA)(DA)(DA)(DA)(DA)(DA)(DA)(DA)(DA)(DA)(DA)(DA)(DA)
(DA)(DA)(DA)(DA)(DA)(DA)(DA)(DA)(DA)(DA)(DA)(DA)(DA)(DA)(DA)(DA)(DA)(DA)(DA)(DA)
(DA)(DA)(DA)(DA)(DA)(DA)(DA)(DA)(DA)(DA)(DA)(DA)(DA)(DA)(DA)(DA)(DA)(DA)(DA)(DA)
(DA)(DA)(DA)(DA)(DA)(DA)(DA)(DA)(DA)(DA)(DA)(DA)(DA)(DA)(DA)(DA)(DA)(DA)(DA)(DA)
(DA)(DA)(DA)(DA)(DA)(DA)(DA)(DA)(DA)(DA)(DA)(DA)(DA)(DA)(DA)(DA)(DA)(DA)(DA)(DA)
(DA)(DA)(DA)(DA)(DA)(DA)(DA)(DA)(DA)(DA)(DA)(DA)(DA)(DA)(DA)(DA)(DA)(DA)(DA)(DA)
(DA)(DA)(DA)(DA)(DA)(DA)(DA)(DA)(DA)(DA)(DA)(DA)(DA)(DA)(DA)(DA)(DA)(DA)(DA)(DA)
(DA)(DA)(DA)(DA)(DA)(DA)(DA)
;
I
6 'polydeoxyribonucleotide'
;(DT)(DT)(DT)(DT)(DT)(DT)(DT)(DT)(DT)(DT)(DT)(DT)(DT)(DT)(DT)(DT)(DT)(DT)(DT)(DT)
(DT)(DT)(DT)(DT)(DT)(DT)(DT)(DT)(DT)(DT)(DT)(DT)(DT)(DT)(DT)(DT)(DT)(DT)(DT)(DT)
(DT)(DT)(DT)(DT)(DT)(DT)(DT)(DT)(DT)(DT)(DT)(DT)(DT)(DT)(DT)(DT)(DT)(DT)(DT)(DT)
(DT)(DT)(DT)(DT)(DT)(DT)(DT)(DT)(DT)(DT)(DT)(DT)(DT)(DT)(DT)(DT)(DT)(DT)(DT)(DT)
(DT)(DT)(DT)(DT)(DT)(DT)(DT)(DT)(DT)(DT)(DT)(DT)(DT)(DT)(DT)(DT)(DT)(DT)(DT)(DT)
(DT)(DT)(DT)(DT)(DT)(DT)(DT)(DT)(DT)(DT)(DT)(DT)(DT)(DT)(DT)(DT)(DT)(DT)(DT)(DT)
(DT)(DT)(DT)(DT)(DT)(DT)(DT)(DT)(DT)(DT)(DT)(DT)(DT)(DT)(DT)(DT)(DT)(DT)(DT)(DT)
(DT)(DT)(DT)(DT)(DT)(DT)(DT)(DT)(DT)(DT)(DT)(DT)(DT)(DT)(DT)(DT)(DT)(DT)(DT)(DT)
(DT)(DT)(DT)(DT)(DT)(DT)(DT)(DT)(DT)(DT)(DT)(DT)(DT)(DT)(DT)(DT)(DT)(DT)(DT)(DT)
(DT)(DT)(DT)(DT)(DT)(DT)(DT)(DT)(DT)(DT)(DT)(DT)(DT)(DT)(DT)(DT)(DT)(DT)(DT)(DT)
(DT)(DT)(DT)(DT)(DT)(DT)(DT)
;
J
#
# COMPACT_ATOMS: atom_id res chain seq x y z
N THR A 46 -1.84 40.16 12.83
CA THR A 46 -0.68 39.97 11.95
C THR A 46 0.30 38.97 12.55
N VAL A 47 0.63 39.16 13.82
CA VAL A 47 1.58 38.29 14.48
C VAL A 47 1.00 36.90 14.68
N ALA A 48 -0.31 36.80 14.96
CA ALA A 48 -0.93 35.49 15.12
C ALA A 48 -0.84 34.68 13.82
N LEU A 49 -1.12 35.32 12.68
CA LEU A 49 -1.05 34.62 11.41
C LEU A 49 0.39 34.42 10.94
N ARG A 50 1.31 35.28 11.37
CA ARG A 50 2.73 34.99 11.17
C ARG A 50 3.11 33.71 11.89
N GLU A 51 2.66 33.56 13.13
CA GLU A 51 2.86 32.30 13.86
C GLU A 51 2.18 31.15 13.14
N ILE A 52 0.99 31.38 12.58
CA ILE A 52 0.33 30.37 11.75
C ILE A 52 1.29 29.84 10.70
N ARG A 53 1.79 30.73 9.84
CA ARG A 53 2.61 30.23 8.74
C ARG A 53 3.90 29.61 9.25
N ARG A 54 4.52 30.23 10.26
CA ARG A 54 5.81 29.74 10.75
C ARG A 54 5.69 28.35 11.34
N TYR A 55 4.62 28.11 12.11
CA TYR A 55 4.46 26.81 12.75
C TYR A 55 3.93 25.78 11.79
N GLN A 56 3.25 26.21 10.72
CA GLN A 56 2.89 25.27 9.68
C GLN A 56 4.03 25.02 8.69
N LYS A 57 5.14 25.74 8.82
CA LYS A 57 6.29 25.53 7.94
C LYS A 57 6.87 24.13 8.06
N SER A 58 7.44 23.80 9.21
CA SER A 58 8.31 22.64 9.34
C SER A 58 7.62 21.50 10.09
N THR A 59 8.37 20.41 10.25
CA THR A 59 7.90 19.21 10.93
C THR A 59 8.71 18.88 12.17
N GLU A 60 9.42 19.87 12.73
CA GLU A 60 10.19 19.64 13.93
C GLU A 60 9.25 19.46 15.13
N LEU A 61 9.81 18.98 16.22
CA LEU A 61 9.04 18.66 17.42
C LEU A 61 8.87 19.92 18.25
N LEU A 62 7.69 20.54 18.18
CA LEU A 62 7.44 21.78 18.90
C LEU A 62 7.66 21.58 20.39
N ILE A 63 7.09 20.51 20.95
CA ILE A 63 7.19 20.23 22.37
C ILE A 63 8.64 20.03 22.77
N ARG A 64 8.90 20.22 24.05
CA ARG A 64 10.23 20.06 24.63
C ARG A 64 10.36 18.70 25.30
N LYS A 65 11.55 18.10 25.17
CA LYS A 65 11.74 16.74 25.62
C LYS A 65 11.48 16.58 27.11
N LEU A 66 12.02 17.49 27.92
CA LEU A 66 11.95 17.32 29.36
C LEU A 66 10.52 17.26 29.87
N PRO A 67 9.67 18.26 29.64
CA PRO A 67 8.29 18.16 30.14
C PRO A 67 7.53 16.99 29.54
N PHE A 68 7.76 16.70 28.27
CA PHE A 68 7.03 15.59 27.64
C PHE A 68 7.37 14.28 28.32
N GLN A 69 8.65 14.03 28.53
CA GLN A 69 9.06 12.84 29.28
C GLN A 69 8.49 12.86 30.67
N ARG A 70 8.39 14.04 31.28
CA ARG A 70 7.79 14.14 32.60
C ARG A 70 6.35 13.63 32.58
N LEU A 71 5.56 14.10 31.62
CA LEU A 71 4.19 13.59 31.50
C LEU A 71 4.17 12.11 31.19
N VAL A 72 5.13 11.64 30.40
CA VAL A 72 5.21 10.21 30.11
C VAL A 72 5.32 9.41 31.39
N ARG A 73 6.25 9.81 32.24
CA ARG A 73 6.42 9.11 33.51
C ARG A 73 5.21 9.30 34.41
N GLU A 74 4.55 10.46 34.31
CA GLU A 74 3.32 10.66 35.07
C GLU A 74 2.27 9.63 34.70
N ILE A 75 1.99 9.51 33.39
CA ILE A 75 0.96 8.60 32.94
C ILE A 75 1.40 7.15 32.97
N ALA A 76 2.69 6.90 33.21
CA ALA A 76 3.13 5.53 33.40
C ALA A 76 3.01 5.10 34.85
N GLN A 77 3.72 5.79 35.75
CA GLN A 77 3.77 5.37 37.14
C GLN A 77 2.41 5.38 37.79
N ASP A 78 1.50 6.23 37.32
CA ASP A 78 0.18 6.31 37.92
C ASP A 78 -0.58 5.00 37.81
N PHE A 79 -0.19 4.12 36.90
CA PHE A 79 -0.80 2.81 36.77
C PHE A 79 0.08 1.69 37.32
N LYS A 80 1.29 1.56 36.80
CA LYS A 80 2.18 0.48 37.19
C LYS A 80 3.55 1.05 37.44
N THR A 81 4.27 0.43 38.36
CA THR A 81 5.59 0.90 38.77
C THR A 81 6.68 0.10 38.06
N ASP A 82 7.91 0.56 38.26
CA ASP A 82 9.11 -0.18 37.90
C ASP A 82 9.15 -0.45 36.39
N LEU A 83 9.23 0.63 35.63
CA LEU A 83 9.34 0.55 34.18
C LEU A 83 10.50 1.42 33.72
N ARG A 84 11.42 0.84 32.95
CA ARG A 84 12.44 1.62 32.27
C ARG A 84 11.96 1.88 30.85
N PHE A 85 11.99 3.13 30.45
CA PHE A 85 11.31 3.59 29.26
C PHE A 85 12.19 3.45 28.02
N GLN A 86 11.60 3.72 26.87
CA GLN A 86 12.33 3.78 25.61
C GLN A 86 12.29 5.20 25.08
N SER A 87 13.47 5.76 24.83
CA SER A 87 13.53 7.06 24.19
C SER A 87 12.81 7.04 22.85
N SER A 88 12.97 5.96 22.08
CA SER A 88 12.24 5.81 20.83
C SER A 88 10.74 5.80 21.08
N ALA A 89 10.31 5.13 22.14
CA ALA A 89 8.90 5.17 22.51
C ALA A 89 8.48 6.61 22.78
N VAL A 90 9.34 7.38 23.43
CA VAL A 90 9.03 8.79 23.70
C VAL A 90 8.87 9.54 22.39
N MET A 91 9.77 9.29 21.44
CA MET A 91 9.68 9.94 20.13
C MET A 91 8.37 9.61 19.46
N ALA A 92 7.99 8.34 19.49
CA ALA A 92 6.72 7.93 18.90
C ALA A 92 5.55 8.63 19.61
N LEU A 93 5.62 8.71 20.93
CA LEU A 93 4.59 9.39 21.69
C LEU A 93 4.45 10.82 21.21
N GLN A 94 5.57 11.51 21.07
CA GLN A 94 5.55 12.85 20.50
C GLN A 94 4.85 12.83 19.15
N GLU A 95 5.43 12.12 18.19
CA GLU A 95 4.93 12.19 16.81
C GLU A 95 3.43 11.95 16.78
N ALA A 96 2.95 10.91 17.46
CA ALA A 96 1.53 10.64 17.49
C ALA A 96 0.76 11.79 18.11
N SER A 97 1.27 12.35 19.21
CA SER A 97 0.52 13.38 19.91
C SER A 97 0.33 14.59 19.03
N GLU A 98 1.41 15.13 18.45
CA GLU A 98 1.19 16.30 17.61
C GLU A 98 0.37 15.95 16.38
N ALA A 99 0.56 14.76 15.81
CA ALA A 99 -0.22 14.42 14.62
C ALA A 99 -1.71 14.46 14.93
N TYR A 100 -2.11 13.76 15.99
CA TYR A 100 -3.50 13.70 16.37
C TYR A 100 -4.04 15.08 16.72
N LEU A 101 -3.27 15.82 17.52
CA LEU A 101 -3.71 17.14 17.92
C LEU A 101 -3.94 18.04 16.73
N VAL A 102 -2.98 18.07 15.80
CA VAL A 102 -3.11 19.00 14.68
C VAL A 102 -4.24 18.54 13.78
N ALA A 103 -4.47 17.23 13.71
CA ALA A 103 -5.64 16.76 12.98
C ALA A 103 -6.89 17.41 13.55
N LEU A 104 -7.03 17.32 14.88
CA LEU A 104 -8.11 18.01 15.54
C LEU A 104 -8.06 19.51 15.24
N PHE A 105 -6.86 20.05 15.12
CA PHE A 105 -6.71 21.49 15.02
C PHE A 105 -7.34 22.01 13.74
N GLU A 106 -6.86 21.53 12.58
CA GLU A 106 -7.48 21.99 11.33
C GLU A 106 -8.93 21.56 11.18
N ASP A 107 -9.30 20.35 11.60
CA ASP A 107 -10.70 20.04 11.29
C ASP A 107 -11.65 20.82 12.20
N THR A 108 -11.27 21.10 13.45
CA THR A 108 -12.09 21.98 14.26
C THR A 108 -12.04 23.41 13.75
N ASN A 109 -10.91 23.82 13.18
CA ASN A 109 -10.84 25.15 12.58
C ASN A 109 -11.83 25.28 11.42
N LEU A 110 -11.91 24.25 10.59
CA LEU A 110 -12.89 24.25 9.52
C LEU A 110 -14.31 24.26 10.08
N CYS A 111 -14.55 23.53 11.17
CA CYS A 111 -15.85 23.58 11.80
C CYS A 111 -16.18 25.00 12.28
N ALA A 112 -15.20 25.67 12.87
CA ALA A 112 -15.44 27.00 13.42
C ALA A 112 -15.68 28.02 12.33
N ILE A 113 -14.98 27.89 11.21
CA ILE A 113 -15.30 28.79 10.09
C ILE A 113 -16.65 28.41 9.53
N HIS A 114 -17.03 27.14 9.61
CA HIS A 114 -18.41 26.75 9.34
C HIS A 114 -19.34 27.36 10.36
N ALA A 115 -18.83 27.71 11.53
CA ALA A 115 -19.55 28.50 12.49
C ALA A 115 -19.41 29.99 12.23
N LYS A 116 -18.96 30.35 11.03
CA LYS A 116 -19.01 31.72 10.51
C LYS A 116 -18.12 32.66 11.28
N ARG A 117 -17.15 32.15 12.03
CA ARG A 117 -16.35 32.99 12.90
C ARG A 117 -14.92 32.53 12.86
N VAL A 118 -14.03 33.38 13.36
CA VAL A 118 -12.59 33.09 13.38
C VAL A 118 -12.08 32.80 14.78
N THR A 119 -12.85 33.12 15.81
CA THR A 119 -12.48 32.79 17.19
C THR A 119 -13.10 31.46 17.57
N ILE A 120 -12.28 30.53 18.03
CA ILE A 120 -12.74 29.17 18.31
C ILE A 120 -13.43 29.11 19.66
N MET A 121 -14.08 27.97 19.92
CA MET A 121 -14.86 27.74 21.11
C MET A 121 -14.73 26.26 21.42
N PRO A 122 -14.65 25.89 22.69
CA PRO A 122 -14.49 24.46 23.03
C PRO A 122 -15.56 23.57 22.42
N LYS A 123 -16.80 24.08 22.36
CA LYS A 123 -17.88 23.26 21.84
C LYS A 123 -17.64 22.90 20.38
N ASP A 124 -16.87 23.72 19.66
CA ASP A 124 -16.48 23.34 18.31
C ASP A 124 -15.71 22.04 18.34
N ILE A 125 -14.72 21.95 19.24
CA ILE A 125 -13.94 20.73 19.40
C ILE A 125 -14.84 19.59 19.82
N GLN A 126 -15.78 19.87 20.72
CA GLN A 126 -16.66 18.81 21.20
C GLN A 126 -17.49 18.24 20.05
N LEU A 127 -18.03 19.11 19.20
CA LEU A 127 -18.77 18.62 18.05
C LEU A 127 -17.85 17.85 17.12
N ALA A 128 -16.65 18.36 16.90
CA ALA A 128 -15.73 17.70 15.99
C ALA A 128 -15.48 16.27 16.45
N ARG A 129 -15.15 16.11 17.72
CA ARG A 129 -14.91 14.77 18.24
C ARG A 129 -16.19 13.94 18.25
N ARG A 130 -17.35 14.60 18.39
CA ARG A 130 -18.62 13.89 18.29
C ARG A 130 -18.73 13.17 16.96
N ILE A 131 -18.53 13.91 15.87
CA ILE A 131 -18.59 13.25 14.57
C ILE A 131 -17.42 12.30 14.40
N ARG A 132 -16.29 12.58 15.06
CA ARG A 132 -15.13 11.72 14.90
C ARG A 132 -15.41 10.29 15.34
N GLY A 133 -16.49 10.07 16.10
CA GLY A 133 -16.90 8.74 16.45
C GLY A 133 -16.27 8.20 17.71
N GLU A 134 -15.21 8.83 18.19
CA GLU A 134 -14.64 8.46 19.48
C GLU A 134 -15.42 9.14 20.60
N ARG A 135 -15.24 8.63 21.80
CA ARG A 135 -15.92 9.17 22.97
C ARG A 135 -15.00 9.22 24.18
N LYS B 21 10.73 8.05 42.63
CA LYS B 21 10.33 9.24 43.36
C LYS B 21 8.84 9.54 43.16
N VAL B 22 8.42 10.73 43.55
CA VAL B 22 7.03 11.11 43.43
C VAL B 22 6.76 11.65 42.03
N LEU B 23 5.52 11.48 41.58
CA LEU B 23 5.04 12.02 40.32
C LEU B 23 3.84 12.90 40.61
N ARG B 24 3.84 14.10 40.05
CA ARG B 24 2.71 14.99 40.30
C ARG B 24 2.79 16.20 39.36
N ASP B 25 1.64 16.59 38.81
CA ASP B 25 1.35 17.89 38.25
C ASP B 25 2.00 18.17 36.90
N ASN B 26 2.87 17.29 36.39
CA ASN B 26 3.52 17.59 35.12
C ASN B 26 2.51 17.79 34.01
N ILE B 27 1.38 17.09 34.07
CA ILE B 27 0.39 17.15 33.00
C ILE B 27 -0.06 18.58 32.78
N GLN B 28 -0.45 19.25 33.86
CA GLN B 28 -0.87 20.64 33.76
C GLN B 28 0.28 21.55 33.40
N GLY B 29 1.51 21.11 33.69
CA GLY B 29 2.69 21.94 33.49
C GLY B 29 2.91 22.35 32.05
N ILE B 30 2.27 21.67 31.10
CA ILE B 30 2.40 22.07 29.71
C ILE B 30 2.10 23.54 29.57
N THR B 31 3.03 24.27 28.97
CA THR B 31 2.83 25.70 28.80
C THR B 31 1.71 25.93 27.80
N LYS B 32 0.77 26.79 28.17
CA LYS B 32 -0.23 27.25 27.23
C LYS B 32 0.39 27.80 25.94
N PRO B 33 1.48 28.55 25.98
CA PRO B 33 2.12 28.95 24.71
C PRO B 33 2.58 27.79 23.85
N ALA B 34 3.02 26.67 24.43
CA ALA B 34 3.34 25.51 23.59
C ALA B 34 2.08 25.00 22.90
N ILE B 35 0.98 25.01 23.61
CA ILE B 35 -0.30 24.60 23.03
C ILE B 35 -0.66 25.54 21.89
N ARG B 36 -0.48 26.85 22.10
CA ARG B 36 -0.77 27.83 21.06
C ARG B 36 0.16 27.65 19.86
N ARG B 37 1.42 27.30 20.12
CA ARG B 37 2.32 26.93 19.04
C ARG B 37 1.70 25.82 18.21
N LEU B 38 1.26 24.77 18.89
CA LEU B 38 0.64 23.65 18.20
C LEU B 38 -0.60 24.10 17.45
N ALA B 39 -1.30 25.09 17.99
CA ALA B 39 -2.52 25.59 17.36
C ALA B 39 -2.22 26.38 16.10
N ARG B 40 -1.12 27.13 16.10
CA ARG B 40 -0.72 27.83 14.90
C ARG B 40 -0.22 26.83 13.85
N ARG B 41 0.40 25.75 14.31
CA ARG B 41 0.53 24.55 13.47
C ARG B 41 -0.82 24.07 12.96
N GLY B 42 -1.86 24.27 13.76
CA GLY B 42 -3.19 23.95 13.29
C GLY B 42 -3.85 25.00 12.45
N GLY B 43 -3.20 26.13 12.22
CA GLY B 43 -3.74 27.13 11.32
C GLY B 43 -4.88 27.94 11.87
N VAL B 44 -5.15 27.86 13.16
CA VAL B 44 -6.24 28.62 13.77
C VAL B 44 -5.73 30.01 14.11
N LYS B 45 -6.40 31.04 13.56
CA LYS B 45 -5.94 32.40 13.78
C LYS B 45 -6.37 32.95 15.14
N ARG B 46 -7.65 32.87 15.45
CA ARG B 46 -8.18 33.43 16.68
C ARG B 46 -8.63 32.30 17.59
N ILE B 47 -8.20 32.37 18.85
CA ILE B 47 -8.32 31.26 19.78
C ILE B 47 -8.87 31.78 21.09
N SER B 48 -9.99 31.23 21.54
CA SER B 48 -10.43 31.48 22.90
C SER B 48 -9.47 30.84 23.89
N GLY B 49 -9.29 31.49 25.04
CA GLY B 49 -8.37 30.95 26.02
C GLY B 49 -8.88 29.72 26.73
N LEU B 50 -10.10 29.29 26.46
CA LEU B 50 -10.74 28.21 27.19
C LEU B 50 -10.55 26.86 26.50
N ILE B 51 -9.42 26.66 25.84
CA ILE B 51 -9.19 25.45 25.09
C ILE B 51 -8.14 24.55 25.74
N TYR B 52 -7.20 25.11 26.47
CA TYR B 52 -6.04 24.36 26.94
C TYR B 52 -6.47 23.20 27.83
N GLU B 53 -7.54 23.40 28.60
CA GLU B 53 -7.96 22.37 29.54
C GLU B 53 -8.50 21.14 28.81
N GLU B 54 -9.39 21.33 27.86
CA GLU B 54 -9.95 20.18 27.17
C GLU B 54 -8.95 19.55 26.23
N THR B 55 -8.01 20.34 25.70
CA THR B 55 -6.93 19.74 24.95
C THR B 55 -6.09 18.85 25.84
N ARG B 56 -5.78 19.32 27.05
CA ARG B 56 -5.14 18.46 28.03
C ARG B 56 -5.95 17.19 28.23
N GLY B 57 -7.26 17.34 28.38
CA GLY B 57 -8.09 16.18 28.66
C GLY B 57 -8.02 15.15 27.56
N VAL B 58 -8.20 15.61 26.33
CA VAL B 58 -8.23 14.67 25.21
C VAL B 58 -6.86 14.05 25.01
N LEU B 59 -5.80 14.86 25.10
CA LEU B 59 -4.49 14.28 24.90
C LEU B 59 -4.20 13.24 25.96
N LYS B 60 -4.52 13.54 27.21
CA LYS B 60 -4.16 12.58 28.25
C LYS B 60 -4.99 11.32 28.12
N VAL B 61 -6.27 11.43 27.75
CA VAL B 61 -7.05 10.20 27.63
C VAL B 61 -6.51 9.34 26.49
N PHE B 62 -6.17 9.96 25.36
CA PHE B 62 -5.66 9.16 24.25
C PHE B 62 -4.35 8.49 24.65
N LEU B 63 -3.45 9.26 25.26
CA LEU B 63 -2.14 8.71 25.56
C LEU B 63 -2.20 7.69 26.69
N GLU B 64 -3.11 7.86 27.65
CA GLU B 64 -3.24 6.82 28.65
C GLU B 64 -3.79 5.55 28.03
N ASN B 65 -4.73 5.69 27.09
CA ASN B 65 -5.20 4.52 26.40
C ASN B 65 -4.04 3.77 25.76
N VAL B 66 -3.21 4.50 25.01
CA VAL B 66 -2.14 3.83 24.28
C VAL B 66 -1.09 3.27 25.24
N ILE B 67 -0.78 4.01 26.31
CA ILE B 67 0.25 3.53 27.23
C ILE B 67 -0.22 2.31 27.98
N ARG B 68 -1.50 2.26 28.34
CA ARG B 68 -2.01 1.08 29.01
C ARG B 68 -2.01 -0.10 28.06
N ASP B 69 -2.31 0.14 26.78
CA ASP B 69 -2.20 -0.92 25.80
C ASP B 69 -0.77 -1.45 25.76
N ALA B 70 0.20 -0.53 25.76
CA ALA B 70 1.59 -0.91 25.74
C ALA B 70 1.96 -1.73 26.97
N VAL B 71 1.48 -1.30 28.13
CA VAL B 71 1.77 -2.02 29.37
C VAL B 71 1.21 -3.43 29.31
N THR B 72 0.01 -3.57 28.74
CA THR B 72 -0.57 -4.90 28.60
C THR B 72 0.30 -5.77 27.70
N TYR B 73 0.75 -5.22 26.58
CA TYR B 73 1.67 -5.96 25.72
C TYR B 73 2.91 -6.39 26.49
N THR B 74 3.53 -5.44 27.19
CA THR B 74 4.79 -5.72 27.86
C THR B 74 4.62 -6.76 28.97
N GLU B 75 3.53 -6.68 29.72
CA GLU B 75 3.34 -7.66 30.78
C GLU B 75 3.12 -9.05 30.19
N HIS B 76 2.42 -9.15 29.06
CA HIS B 76 2.37 -10.46 28.44
C HIS B 76 3.72 -10.85 27.84
N ALA B 77 4.60 -9.87 27.61
CA ALA B 77 5.96 -10.18 27.22
C ALA B 77 6.87 -10.48 28.40
N LYS B 78 6.40 -10.26 29.63
CA LYS B 78 7.19 -10.46 30.84
C LYS B 78 8.50 -9.67 30.81
N ARG B 79 8.45 -8.47 30.22
CA ARG B 79 9.62 -7.60 30.13
C ARG B 79 9.39 -6.35 30.95
N LYS B 80 10.45 -5.91 31.63
CA LYS B 80 10.39 -4.78 32.55
C LYS B 80 10.57 -3.45 31.86
N THR B 81 10.72 -3.44 30.55
CA THR B 81 10.87 -2.22 29.78
C THR B 81 9.80 -2.19 28.68
N VAL B 82 9.89 -1.18 27.83
CA VAL B 82 8.96 -0.99 26.74
C VAL B 82 9.70 -1.14 25.42
N THR B 83 8.93 -1.28 24.34
CA THR B 83 9.49 -1.45 23.01
C THR B 83 8.69 -0.63 22.01
N ALA B 84 9.39 -0.04 21.04
CA ALA B 84 8.72 0.72 20.00
C ALA B 84 7.83 -0.17 19.16
N MET B 85 8.19 -1.44 19.00
CA MET B 85 7.31 -2.38 18.34
C MET B 85 5.99 -2.50 19.10
N ASP B 86 6.05 -2.55 20.42
CA ASP B 86 4.83 -2.49 21.21
C ASP B 86 4.10 -1.19 20.99
N VAL B 87 4.84 -0.08 20.90
CA VAL B 87 4.23 1.22 20.69
C VAL B 87 3.40 1.21 19.42
N VAL B 88 3.99 0.75 18.33
CA VAL B 88 3.27 0.75 17.07
C VAL B 88 2.13 -0.26 17.09
N TYR B 89 2.31 -1.37 17.82
CA TYR B 89 1.18 -2.29 17.99
C TYR B 89 -0.02 -1.57 18.57
N ALA B 90 0.19 -0.83 19.64
CA ALA B 90 -0.91 -0.08 20.23
C ALA B 90 -1.43 0.97 19.27
N LEU B 91 -0.52 1.66 18.57
CA LEU B 91 -0.91 2.70 17.64
C LEU B 91 -1.89 2.17 16.61
N LYS B 92 -1.51 1.08 15.94
CA LYS B 92 -2.38 0.49 14.95
C LYS B 92 -3.61 -0.13 15.59
N ARG B 93 -3.49 -0.59 16.83
CA ARG B 93 -4.64 -1.20 17.51
C ARG B 93 -5.74 -0.17 17.67
N GLN B 94 -5.40 1.04 18.08
CA GLN B 94 -6.41 2.08 18.11
C GLN B 94 -6.72 2.60 16.71
N GLY B 95 -5.84 2.34 15.75
CA GLY B 95 -6.07 2.80 14.39
C GLY B 95 -5.34 4.06 14.02
N ARG B 96 -4.02 4.06 14.18
CA ARG B 96 -3.14 5.19 13.83
C ARG B 96 -2.04 4.74 12.90
N THR B 97 -2.43 4.10 11.78
CA THR B 97 -1.52 3.51 10.79
C THR B 97 -0.32 4.40 10.50
N LEU B 98 0.88 3.85 10.68
CA LEU B 98 2.12 4.62 10.55
C LEU B 98 3.28 3.65 10.28
N TYR B 99 3.96 3.84 9.16
CA TYR B 99 5.17 3.11 8.84
C TYR B 99 6.37 3.86 9.44
N GLY B 100 7.57 3.50 9.00
CA GLY B 100 8.77 4.22 9.40
C GLY B 100 9.60 3.43 10.40
N PHE B 101 8.92 2.85 11.38
CA PHE B 101 9.54 1.87 12.27
C PHE B 101 9.21 0.45 11.87
N GLY B 102 8.44 0.27 10.81
CA GLY B 102 8.09 -1.06 10.34
C GLY B 102 7.19 -0.96 9.14
N GLY B 103 6.95 -2.11 8.53
CA GLY B 103 6.10 -2.21 7.36
C GLY B 103 6.74 -1.68 6.10
N THR C 52 -18.76 -34.79 27.89
CA THR C 52 -17.82 -34.05 27.07
C THR C 52 -16.98 -33.11 27.91
N ARG C 53 -15.90 -32.60 27.33
CA ARG C 53 -15.04 -31.66 28.05
C ARG C 53 -15.77 -30.38 28.40
N SER C 54 -16.90 -30.10 27.76
CA SER C 54 -17.70 -28.95 28.15
C SER C 54 -18.12 -29.07 29.61
N SER C 55 -18.69 -30.21 29.98
CA SER C 55 -19.02 -30.45 31.38
C SER C 55 -17.76 -30.52 32.23
N ARG C 56 -16.71 -31.14 31.70
CA ARG C 56 -15.46 -31.27 32.44
C ARG C 56 -14.82 -29.91 32.72
N ALA C 57 -15.24 -28.88 32.01
CA ALA C 57 -14.91 -27.50 32.33
C ALA C 57 -16.07 -26.75 32.95
N GLY C 58 -17.27 -27.33 32.96
CA GLY C 58 -18.43 -26.66 33.50
C GLY C 58 -18.94 -25.51 32.66
N LEU C 59 -19.02 -25.68 31.35
CA LEU C 59 -19.50 -24.66 30.44
C LEU C 59 -20.61 -25.21 29.55
N GLN C 60 -21.08 -24.36 28.64
CA GLN C 60 -22.14 -24.73 27.71
C GLN C 60 -21.70 -24.82 26.25
N PHE C 61 -20.53 -24.30 25.92
CA PHE C 61 -20.13 -24.17 24.52
C PHE C 61 -19.43 -25.42 24.02
N PRO C 62 -19.44 -25.65 22.71
CA PRO C 62 -18.80 -26.85 22.17
C PRO C 62 -17.29 -26.74 22.10
N VAL C 63 -16.60 -27.43 23.00
CA VAL C 63 -15.14 -27.28 23.12
C VAL C 63 -14.43 -27.92 21.92
N GLY C 64 -14.83 -29.13 21.53
CA GLY C 64 -14.19 -29.77 20.40
C GLY C 64 -14.48 -29.05 19.09
N ARG C 65 -15.73 -28.65 18.91
CA ARG C 65 -16.09 -27.89 17.72
C ARG C 65 -15.30 -26.58 17.66
N VAL C 66 -15.27 -25.84 18.76
CA VAL C 66 -14.57 -24.56 18.73
C VAL C 66 -13.07 -24.77 18.55
N HIS C 67 -12.54 -25.87 19.08
CA HIS C 67 -11.14 -26.16 18.85
C HIS C 67 -10.88 -26.44 17.38
N ARG C 68 -11.81 -27.14 16.72
CA ARG C 68 -11.68 -27.32 15.29
C ARG C 68 -11.76 -25.98 14.57
N LEU C 69 -12.61 -25.08 15.07
CA LEU C 69 -12.66 -23.73 14.50
C LEU C 69 -11.32 -23.05 14.61
N LEU C 70 -10.69 -23.14 15.79
CA LEU C 70 -9.37 -22.56 15.97
C LEU C 70 -8.36 -23.21 15.05
N ARG C 71 -8.45 -24.53 14.88
CA ARG C 71 -7.52 -25.25 14.02
C ARG C 71 -7.62 -24.74 12.59
N LYS C 72 -8.83 -24.68 12.05
CA LYS C 72 -9.01 -24.14 10.71
C LYS C 72 -8.74 -22.65 10.66
N GLY C 73 -8.66 -21.99 11.81
CA GLY C 73 -8.40 -20.56 11.82
C GLY C 73 -7.06 -20.19 11.24
N ASN C 74 -6.07 -21.08 11.38
CA ASN C 74 -4.71 -20.85 10.86
C ASN C 74 -4.09 -19.61 11.52
N TYR C 75 -3.99 -19.67 12.84
CA TYR C 75 -3.49 -18.57 13.65
C TYR C 75 -2.18 -18.90 14.34
N ALA C 76 -2.00 -20.14 14.77
CA ALA C 76 -0.74 -20.61 15.30
C ALA C 76 -0.63 -22.10 14.98
N GLU C 77 0.61 -22.59 14.91
CA GLU C 77 0.79 -24.01 14.63
C GLU C 77 0.17 -24.86 15.72
N ARG C 78 0.37 -24.49 16.97
CA ARG C 78 -0.21 -25.23 18.09
C ARG C 78 -0.72 -24.24 19.12
N VAL C 79 -1.58 -24.75 20.01
CA VAL C 79 -2.27 -23.91 20.99
C VAL C 79 -2.48 -24.73 22.26
N GLY C 80 -2.73 -24.02 23.36
CA GLY C 80 -3.00 -24.69 24.62
C GLY C 80 -4.40 -25.25 24.71
N ALA C 81 -4.56 -26.20 25.63
CA ALA C 81 -5.82 -26.93 25.72
C ALA C 81 -6.92 -26.09 26.35
N GLY C 82 -6.59 -25.30 27.37
CA GLY C 82 -7.59 -24.52 28.04
C GLY C 82 -8.02 -23.27 27.31
N ALA C 83 -7.32 -22.91 26.24
CA ALA C 83 -7.65 -21.70 25.50
C ALA C 83 -9.08 -21.72 24.96
N PRO C 84 -9.54 -22.77 24.28
CA PRO C 84 -10.95 -22.79 23.88
C PRO C 84 -11.89 -22.71 25.05
N VAL C 85 -11.53 -23.34 26.18
CA VAL C 85 -12.36 -23.23 27.37
C VAL C 85 -12.49 -21.77 27.78
N TYR C 86 -11.37 -21.06 27.80
CA TYR C 86 -11.35 -19.68 28.25
C TYR C 86 -12.19 -18.80 27.34
N LEU C 87 -12.01 -18.95 26.03
CA LEU C 87 -12.77 -18.11 25.10
C LEU C 87 -14.25 -18.45 25.17
N ALA C 88 -14.58 -19.74 25.30
CA ALA C 88 -15.97 -20.13 25.44
C ALA C 88 -16.57 -19.48 26.67
N ALA C 89 -15.83 -19.47 27.77
CA ALA C 89 -16.34 -18.88 29.00
C ALA C 89 -16.63 -17.39 28.81
N VAL C 90 -15.69 -16.67 28.19
CA VAL C 90 -15.90 -15.24 28.06
C VAL C 90 -17.07 -14.96 27.13
N LEU C 91 -17.19 -15.72 26.04
CA LEU C 91 -18.30 -15.51 25.14
C LEU C 91 -19.62 -15.83 25.83
N GLU C 92 -19.63 -16.86 26.65
CA GLU C 92 -20.82 -17.23 27.40
C GLU C 92 -21.21 -16.11 28.36
N TYR C 93 -20.23 -15.52 29.02
CA TYR C 93 -20.51 -14.38 29.88
C TYR C 93 -21.14 -13.24 29.10
N LEU C 94 -20.56 -12.93 27.94
CA LEU C 94 -21.04 -11.80 27.16
C LEU C 94 -22.47 -12.04 26.69
N THR C 95 -22.74 -13.24 26.18
CA THR C 95 -24.08 -13.52 25.70
C THR C 95 -25.07 -13.50 26.87
N ALA C 96 -24.66 -14.00 28.04
CA ALA C 96 -25.55 -13.93 29.18
C ALA C 96 -25.92 -12.48 29.48
N GLU C 97 -24.92 -11.60 29.50
CA GLU C 97 -25.18 -10.19 29.79
C GLU C 97 -26.15 -9.58 28.78
N ILE C 98 -25.88 -9.78 27.50
CA ILE C 98 -26.67 -9.12 26.48
C ILE C 98 -28.10 -9.65 26.47
N LEU C 99 -28.26 -10.97 26.58
CA LEU C 99 -29.61 -11.53 26.66
C LEU C 99 -30.36 -11.04 27.89
N GLU C 100 -29.69 -10.89 29.03
CA GLU C 100 -30.41 -10.38 30.18
C GLU C 100 -30.90 -8.95 29.92
N LEU C 101 -30.05 -8.11 29.34
CA LEU C 101 -30.49 -6.75 29.03
C LEU C 101 -31.66 -6.76 28.06
N ALA C 102 -31.59 -7.63 27.05
CA ALA C 102 -32.69 -7.71 26.09
C ALA C 102 -33.98 -8.16 26.75
N GLY C 103 -33.88 -9.09 27.70
CA GLY C 103 -35.07 -9.52 28.43
C GLY C 103 -35.64 -8.38 29.26
N ASN C 104 -34.77 -7.58 29.86
CA ASN C 104 -35.26 -6.38 30.54
C ASN C 104 -36.02 -5.49 29.58
N ALA C 105 -35.46 -5.30 28.39
CA ALA C 105 -36.13 -4.48 27.37
C ALA C 105 -37.49 -5.05 27.02
N ALA C 106 -37.57 -6.36 26.84
CA ALA C 106 -38.84 -7.00 26.52
C ALA C 106 -39.84 -6.80 27.63
N ARG C 107 -39.38 -6.80 28.88
CA ARG C 107 -40.24 -6.42 29.98
C ARG C 107 -40.74 -5.00 29.80
N ASP C 108 -39.86 -4.09 29.38
CA ASP C 108 -40.24 -2.69 29.26
C ASP C 108 -41.37 -2.50 28.25
N ASN C 109 -41.29 -3.18 27.10
CA ASN C 109 -42.36 -3.13 26.12
C ASN C 109 -43.38 -4.23 26.31
N LYS C 110 -43.24 -5.05 27.36
CA LYS C 110 -44.21 -6.07 27.72
C LYS C 110 -44.41 -7.08 26.59
N LYS C 111 -43.34 -7.77 26.24
CA LYS C 111 -43.40 -8.82 25.24
C LYS C 111 -42.71 -10.06 25.77
N THR C 112 -43.01 -11.19 25.12
CA THR C 112 -42.47 -12.48 25.53
C THR C 112 -41.24 -12.89 24.74
N ARG C 113 -41.25 -12.66 23.43
CA ARG C 113 -40.12 -13.05 22.60
C ARG C 113 -39.10 -11.91 22.56
N ILE C 114 -38.09 -12.06 21.71
CA ILE C 114 -36.95 -11.15 21.66
C ILE C 114 -36.85 -10.57 20.25
N ILE C 115 -36.76 -9.25 20.16
CA ILE C 115 -36.69 -8.59 18.86
C ILE C 115 -35.36 -7.85 18.72
N PRO C 116 -34.86 -7.70 17.50
CA PRO C 116 -33.61 -6.94 17.33
C PRO C 116 -33.71 -5.53 17.82
N ARG C 117 -34.89 -4.93 17.72
CA ARG C 117 -35.08 -3.58 18.23
C ARG C 117 -34.81 -3.53 19.72
N HIS C 118 -35.24 -4.56 20.45
CA HIS C 118 -34.91 -4.66 21.86
C HIS C 118 -33.40 -4.62 22.07
N LEU C 119 -32.69 -5.39 21.26
CA LEU C 119 -31.23 -5.43 21.37
C LEU C 119 -30.65 -4.04 21.18
N GLN C 120 -31.13 -3.34 20.15
CA GLN C 120 -30.59 -2.02 19.88
C GLN C 120 -30.89 -1.07 21.02
N LEU C 121 -32.11 -1.10 21.54
CA LEU C 121 -32.43 -0.23 22.67
C LEU C 121 -31.51 -0.52 23.83
N ALA C 122 -31.36 -1.80 24.18
CA ALA C 122 -30.55 -2.18 25.32
C ALA C 122 -29.12 -1.69 25.16
N VAL C 123 -28.52 -1.96 24.01
CA VAL C 123 -27.13 -1.57 23.84
C VAL C 123 -27.01 -0.05 23.85
N ARG C 124 -27.90 0.64 23.16
CA ARG C 124 -27.80 2.09 23.08
C ARG C 124 -28.00 2.75 24.43
N ASN C 125 -28.73 2.10 25.34
CA ASN C 125 -28.92 2.70 26.65
C ASN C 125 -27.61 2.84 27.41
N ASP C 126 -26.70 1.88 27.25
CA ASP C 126 -25.44 1.90 27.97
C ASP C 126 -24.34 2.46 27.08
N GLU C 127 -23.58 3.41 27.61
CA GLU C 127 -22.59 4.12 26.80
C GLU C 127 -21.44 3.21 26.40
N GLU C 128 -20.87 2.50 27.38
CA GLU C 128 -19.67 1.70 27.14
C GLU C 128 -19.97 0.51 26.23
N LEU C 129 -21.14 -0.10 26.37
CA LEU C 129 -21.50 -1.18 25.46
C LEU C 129 -21.55 -0.69 24.03
N ASN C 130 -22.13 0.50 23.83
CA ASN C 130 -22.11 1.12 22.50
C ASN C 130 -20.68 1.30 22.02
N LYS C 131 -19.81 1.79 22.89
CA LYS C 131 -18.40 1.94 22.50
C LYS C 131 -17.83 0.62 22.03
N LEU C 132 -18.23 -0.47 22.67
CA LEU C 132 -17.77 -1.78 22.22
C LEU C 132 -18.24 -2.05 20.79
N LEU C 133 -19.52 -1.82 20.52
CA LEU C 133 -20.08 -2.01 19.18
C LEU C 133 -20.09 -0.70 18.41
N GLY C 134 -18.93 -0.05 18.32
CA GLY C 134 -18.86 1.28 17.76
C GLY C 134 -19.29 1.38 16.31
N ARG C 135 -18.46 0.89 15.39
CA ARG C 135 -18.74 0.99 13.97
C ARG C 135 -19.69 -0.11 13.50
N VAL C 136 -20.54 -0.60 14.39
CA VAL C 136 -21.37 -1.76 14.13
C VAL C 136 -22.81 -1.33 13.95
N THR C 137 -23.54 -2.04 13.10
CA THR C 137 -24.97 -1.81 12.89
C THR C 137 -25.68 -3.15 12.76
N ILE C 138 -26.99 -3.13 13.00
CA ILE C 138 -27.77 -4.33 13.25
C ILE C 138 -29.02 -4.34 12.37
N ALA C 139 -29.37 -5.51 11.85
CA ALA C 139 -30.58 -5.64 11.05
C ALA C 139 -31.81 -5.28 11.89
N GLN C 140 -32.70 -4.49 11.28
CA GLN C 140 -33.87 -3.95 11.96
C GLN C 140 -33.44 -3.26 13.26
N GLY C 141 -32.39 -2.46 13.15
CA GLY C 141 -31.80 -1.80 14.30
C GLY C 141 -32.68 -0.74 14.92
N GLY C 142 -32.89 0.35 14.18
CA GLY C 142 -33.61 1.49 14.73
C GLY C 142 -32.71 2.37 15.57
N VAL C 143 -33.27 3.48 16.02
CA VAL C 143 -32.54 4.45 16.82
C VAL C 143 -33.40 4.85 18.01
N LEU C 144 -32.74 5.33 19.03
CA LEU C 144 -33.43 5.73 20.24
C LEU C 144 -34.08 7.10 20.06
N PRO C 145 -35.14 7.38 20.80
CA PRO C 145 -35.73 8.73 20.74
C PRO C 145 -34.85 9.75 21.42
N ASN C 146 -34.25 10.64 20.63
CA ASN C 146 -33.28 11.60 21.16
C ASN C 146 -33.54 12.94 20.50
N ILE C 147 -33.94 13.93 21.30
CA ILE C 147 -34.31 15.25 20.80
C ILE C 147 -33.54 16.29 21.59
N GLN C 148 -32.95 17.25 20.88
CA GLN C 148 -32.18 18.29 21.53
C GLN C 148 -33.13 19.31 22.18
N SER C 149 -32.58 20.07 23.13
CA SER C 149 -33.42 20.90 24.00
C SER C 149 -34.15 21.97 23.19
N VAL C 150 -33.45 22.65 22.29
CA VAL C 150 -34.07 23.75 21.57
C VAL C 150 -35.09 23.25 20.56
N LEU C 151 -35.05 21.97 20.21
CA LEU C 151 -35.92 21.47 19.13
C LEU C 151 -37.39 21.60 19.48
N LEU C 152 -37.77 21.33 20.73
CA LEU C 152 -39.15 21.50 21.13
C LEU C 152 -39.54 22.97 21.09
N PRO C 153 -40.80 23.28 20.80
CA PRO C 153 -41.27 24.66 20.89
C PRO C 153 -41.35 25.14 22.32
N LYS C 154 -41.85 26.35 22.52
CA LYS C 154 -41.86 26.95 23.84
C LYS C 154 -43.28 27.22 24.32
N LYS D 29 -27.70 -29.93 -0.30
CA LYS D 29 -27.91 -29.98 1.14
C LYS D 29 -26.76 -29.29 1.88
N THR D 30 -27.07 -28.21 2.58
CA THR D 30 -26.07 -27.37 3.24
C THR D 30 -26.23 -27.47 4.74
N ARG D 31 -25.14 -27.81 5.44
CA ARG D 31 -25.16 -27.92 6.89
C ARG D 31 -24.54 -26.65 7.51
N LYS D 32 -25.33 -25.59 7.48
CA LYS D 32 -24.89 -24.34 8.09
C LYS D 32 -24.92 -24.45 9.61
N GLU D 33 -23.97 -23.79 10.26
CA GLU D 33 -23.81 -23.90 11.70
C GLU D 33 -24.12 -22.57 12.38
N SER D 34 -24.70 -22.68 13.57
CA SER D 34 -25.04 -21.54 14.41
C SER D 34 -24.93 -21.99 15.85
N TYR D 35 -25.59 -21.28 16.76
CA TYR D 35 -25.53 -21.61 18.17
C TYR D 35 -26.91 -21.57 18.80
N ALA D 36 -27.91 -22.04 18.07
CA ALA D 36 -29.28 -21.94 18.53
C ALA D 36 -29.48 -22.65 19.86
N ILE D 37 -28.89 -23.84 20.01
CA ILE D 37 -28.99 -24.54 21.28
C ILE D 37 -28.33 -23.73 22.38
N TYR D 38 -27.15 -23.18 22.11
CA TYR D 38 -26.41 -22.48 23.14
C TYR D 38 -27.11 -21.19 23.53
N VAL D 39 -27.47 -20.39 22.53
CA VAL D 39 -28.17 -19.15 22.81
C VAL D 39 -29.51 -19.42 23.46
N TYR D 40 -30.16 -20.53 23.09
CA TYR D 40 -31.43 -20.88 23.70
C TYR D 40 -31.25 -21.20 25.18
N LYS D 41 -30.19 -21.95 25.51
CA LYS D 41 -29.90 -22.22 26.91
C LYS D 41 -29.65 -20.93 27.67
N VAL D 42 -28.86 -20.03 27.09
CA VAL D 42 -28.59 -18.75 27.74
C VAL D 42 -29.88 -17.98 27.95
N LEU D 43 -30.74 -17.96 26.94
CA LEU D 43 -32.06 -17.38 27.08
C LEU D 43 -32.78 -17.95 28.29
N LYS D 44 -32.76 -19.28 28.42
CA LYS D 44 -33.45 -19.91 29.53
C LYS D 44 -32.88 -19.43 30.85
N GLN D 45 -31.55 -19.41 30.98
CA GLN D 45 -30.96 -19.04 32.26
C GLN D 45 -31.27 -17.59 32.62
N VAL D 46 -31.18 -16.68 31.66
CA VAL D 46 -31.42 -15.28 32.01
C VAL D 46 -32.91 -14.97 32.05
N HIS D 47 -33.71 -15.64 31.22
CA HIS D 47 -35.14 -15.36 31.11
C HIS D 47 -35.82 -16.66 30.72
N PRO D 48 -36.22 -17.46 31.71
CA PRO D 48 -36.83 -18.76 31.37
C PRO D 48 -38.07 -18.65 30.52
N ASP D 49 -38.89 -17.64 30.74
CA ASP D 49 -40.18 -17.49 30.07
C ASP D 49 -40.09 -16.56 28.87
N THR D 50 -39.19 -16.79 27.93
CA THR D 50 -39.05 -15.90 26.78
C THR D 50 -38.82 -16.68 25.51
N GLY D 51 -39.22 -16.08 24.40
CA GLY D 51 -38.96 -16.59 23.08
C GLY D 51 -37.85 -15.83 22.39
N ILE D 52 -37.87 -15.86 21.06
CA ILE D 52 -36.80 -15.28 20.27
C ILE D 52 -37.29 -15.06 18.85
N SER D 53 -36.78 -14.01 18.22
CA SER D 53 -36.92 -13.83 16.78
C SER D 53 -35.67 -14.36 16.10
N SER D 54 -35.87 -15.13 15.03
CA SER D 54 -34.72 -15.70 14.33
C SER D 54 -33.85 -14.61 13.73
N LYS D 55 -34.42 -13.42 13.49
CA LYS D 55 -33.59 -12.29 13.07
C LYS D 55 -32.60 -11.92 14.16
N ALA D 56 -33.11 -11.73 15.39
CA ALA D 56 -32.22 -11.48 16.51
C ALA D 56 -31.24 -12.62 16.69
N MET D 57 -31.67 -13.85 16.44
CA MET D 57 -30.77 -14.99 16.54
C MET D 57 -29.63 -14.89 15.53
N SER D 58 -29.95 -14.55 14.29
CA SER D 58 -28.90 -14.40 13.29
C SER D 58 -27.93 -13.31 13.70
N ILE D 59 -28.47 -12.22 14.25
CA ILE D 59 -27.63 -11.16 14.80
C ILE D 59 -26.69 -11.73 15.86
N MET D 60 -27.23 -12.55 16.75
CA MET D 60 -26.43 -13.09 17.83
C MET D 60 -25.34 -14.02 17.31
N ASN D 61 -25.67 -14.88 16.36
CA ASN D 61 -24.67 -15.79 15.82
C ASN D 61 -23.56 -15.03 15.12
N SER D 62 -23.93 -14.02 14.32
CA SER D 62 -22.92 -13.21 13.68
C SER D 62 -22.07 -12.49 14.72
N PHE D 63 -22.68 -12.07 15.82
CA PHE D 63 -21.93 -11.46 16.91
C PHE D 63 -20.92 -12.44 17.49
N VAL D 64 -21.35 -13.68 17.69
CA VAL D 64 -20.49 -14.71 18.24
C VAL D 64 -19.29 -14.92 17.33
N ASN D 65 -19.56 -15.15 16.05
CA ASN D 65 -18.47 -15.37 15.11
C ASN D 65 -17.55 -14.15 15.06
N ASP D 66 -18.15 -12.95 15.08
CA ASP D 66 -17.37 -11.73 14.99
C ASP D 66 -16.40 -11.60 16.15
N VAL D 67 -16.92 -11.71 17.37
CA VAL D 67 -16.05 -11.55 18.53
C VAL D 67 -15.01 -12.64 18.53
N PHE D 68 -15.39 -13.85 18.14
CA PHE D 68 -14.44 -14.94 18.08
C PHE D 68 -13.29 -14.60 17.14
N GLU D 69 -13.62 -14.15 15.93
CA GLU D 69 -12.56 -13.90 14.96
C GLU D 69 -11.70 -12.73 15.40
N ARG D 70 -12.31 -11.68 15.95
CA ARG D 70 -11.52 -10.55 16.42
C ARG D 70 -10.51 -10.99 17.45
N ILE D 71 -10.99 -11.69 18.49
CA ILE D 71 -10.10 -12.04 19.57
C ILE D 71 -9.03 -13.02 19.10
N ALA D 72 -9.41 -13.95 18.22
CA ALA D 72 -8.45 -14.96 17.78
C ALA D 72 -7.40 -14.35 16.85
N GLY D 73 -7.82 -13.42 15.98
CA GLY D 73 -6.86 -12.73 15.15
C GLY D 73 -5.88 -11.93 15.96
N GLU D 74 -6.36 -11.28 17.03
CA GLU D 74 -5.42 -10.57 17.88
C GLU D 74 -4.52 -11.54 18.64
N ALA D 75 -5.02 -12.71 18.98
CA ALA D 75 -4.17 -13.72 19.60
C ALA D 75 -3.05 -14.14 18.65
N SER D 76 -3.38 -14.32 17.38
CA SER D 76 -2.34 -14.63 16.39
C SER D 76 -1.37 -13.46 16.24
N ARG D 77 -1.90 -12.24 16.28
CA ARG D 77 -1.03 -11.06 16.30
C ARG D 77 -0.01 -11.18 17.43
N LEU D 78 -0.48 -11.54 18.63
CA LEU D 78 0.42 -11.73 19.75
C LEU D 78 1.42 -12.84 19.44
N ALA D 79 0.94 -13.93 18.84
CA ALA D 79 1.83 -15.05 18.52
C ALA D 79 2.98 -14.61 17.65
N HIS D 80 2.72 -13.67 16.73
CA HIS D 80 3.84 -13.09 15.99
C HIS D 80 4.67 -12.16 16.88
N TYR D 81 4.01 -11.36 17.73
CA TYR D 81 4.73 -10.38 18.52
C TYR D 81 5.67 -11.04 19.52
N ASN D 82 5.24 -12.14 20.13
CA ASN D 82 6.01 -12.81 21.18
C ASN D 82 6.99 -13.83 20.62
N LYS D 83 7.06 -13.98 19.29
CA LYS D 83 7.96 -14.93 18.67
C LYS D 83 7.69 -16.34 19.16
N ARG D 84 6.41 -16.64 19.37
CA ARG D 84 5.97 -17.95 19.83
C ARG D 84 4.82 -18.40 18.96
N SER D 85 4.91 -19.62 18.44
CA SER D 85 3.88 -20.17 17.56
C SER D 85 2.77 -20.88 18.33
N THR D 86 2.56 -20.50 19.58
CA THR D 86 1.57 -21.15 20.42
C THR D 86 0.81 -20.08 21.21
N ILE D 87 -0.44 -20.38 21.52
CA ILE D 87 -1.32 -19.47 22.25
C ILE D 87 -1.84 -20.20 23.47
N THR D 88 -1.93 -19.51 24.60
CA THR D 88 -2.60 -20.11 25.74
C THR D 88 -3.76 -19.22 26.15
N SER D 89 -4.50 -19.68 27.15
CA SER D 89 -5.52 -18.83 27.74
C SER D 89 -4.91 -17.57 28.31
N ARG D 90 -3.63 -17.59 28.64
CA ARG D 90 -2.96 -16.37 29.07
C ARG D 90 -2.88 -15.38 27.92
N GLU D 91 -2.60 -15.87 26.72
CA GLU D 91 -2.65 -15.02 25.54
C GLU D 91 -4.03 -14.39 25.40
N ILE D 92 -5.08 -15.21 25.51
CA ILE D 92 -6.42 -14.70 25.37
C ILE D 92 -6.72 -13.72 26.48
N GLN D 93 -6.16 -13.96 27.66
CA GLN D 93 -6.35 -13.10 28.81
C GLN D 93 -5.85 -11.70 28.50
N THR D 94 -4.61 -11.61 28.05
CA THR D 94 -4.06 -10.32 27.66
C THR D 94 -4.86 -9.69 26.53
N ALA D 95 -5.29 -10.51 25.57
CA ALA D 95 -6.02 -9.97 24.43
C ALA D 95 -7.35 -9.36 24.85
N VAL D 96 -8.11 -10.09 25.67
CA VAL D 96 -9.39 -9.57 26.10
C VAL D 96 -9.18 -8.35 26.99
N ARG D 97 -8.13 -8.34 27.80
CA ARG D 97 -7.82 -7.15 28.57
C ARG D 97 -7.61 -5.97 27.62
N LEU D 98 -6.99 -6.23 26.48
CA LEU D 98 -6.87 -5.19 25.47
C LEU D 98 -8.24 -4.76 24.95
N LEU D 99 -9.12 -5.73 24.72
CA LEU D 99 -10.27 -5.48 23.87
C LEU D 99 -11.54 -5.06 24.58
N LEU D 100 -11.63 -5.25 25.90
CA LEU D 100 -12.96 -5.08 26.44
C LEU D 100 -13.03 -3.93 27.44
N PRO D 101 -14.19 -3.31 27.60
CA PRO D 101 -14.34 -2.23 28.58
C PRO D 101 -14.03 -2.72 29.98
N GLY D 102 -13.39 -1.85 30.76
CA GLY D 102 -12.79 -2.19 32.03
C GLY D 102 -13.60 -3.07 32.95
N GLU D 103 -14.84 -2.65 33.25
CA GLU D 103 -15.66 -3.43 34.17
C GLU D 103 -15.94 -4.81 33.59
N LEU D 104 -16.32 -4.84 32.32
CA LEU D 104 -16.56 -6.12 31.67
C LEU D 104 -15.27 -6.91 31.61
N ALA D 105 -14.15 -6.23 31.42
CA ALA D 105 -12.86 -6.90 31.35
C ALA D 105 -12.52 -7.59 32.65
N LYS D 106 -12.75 -6.91 33.79
CA LYS D 106 -12.38 -7.54 35.05
C LYS D 106 -13.35 -8.67 35.39
N HIS D 107 -14.63 -8.46 35.12
CA HIS D 107 -15.55 -9.58 35.25
C HIS D 107 -15.06 -10.75 34.40
N ALA D 108 -14.66 -10.45 33.16
CA ALA D 108 -14.26 -11.46 32.22
C ALA D 108 -13.07 -12.25 32.73
N VAL D 109 -12.05 -11.54 33.23
CA VAL D 109 -10.90 -12.25 33.77
C VAL D 109 -11.34 -13.13 34.93
N SER D 110 -12.29 -12.65 35.73
CA SER D 110 -12.81 -13.47 36.80
C SER D 110 -13.29 -14.82 36.27
N GLU D 111 -14.29 -14.80 35.37
CA GLU D 111 -14.84 -16.10 35.00
C GLU D 111 -13.84 -16.91 34.19
N GLY D 112 -13.00 -16.25 33.39
CA GLY D 112 -12.04 -17.00 32.60
C GLY D 112 -11.07 -17.76 33.47
N THR D 113 -10.49 -17.08 34.46
CA THR D 113 -9.60 -17.75 35.38
C THR D 113 -10.34 -18.86 36.13
N LYS D 114 -11.56 -18.58 36.56
CA LYS D 114 -12.31 -19.57 37.32
C LYS D 114 -12.54 -20.82 36.48
N ALA D 115 -13.00 -20.65 35.25
CA ALA D 115 -13.31 -21.79 34.40
C ALA D 115 -12.06 -22.58 34.05
N VAL D 116 -10.98 -21.88 33.73
CA VAL D 116 -9.74 -22.58 33.38
C VAL D 116 -9.24 -23.39 34.57
N THR D 117 -9.21 -22.77 35.74
CA THR D 117 -8.75 -23.48 36.93
C THR D 117 -9.67 -24.65 37.25
N LYS D 118 -10.98 -24.45 37.10
CA LYS D 118 -11.93 -25.50 37.39
C LYS D 118 -11.69 -26.70 36.48
N TYR D 119 -11.53 -26.45 35.18
CA TYR D 119 -11.31 -27.56 34.27
C TYR D 119 -9.97 -28.23 34.55
N THR D 120 -8.92 -27.44 34.80
CA THR D 120 -7.61 -28.02 35.03
C THR D 120 -7.62 -28.90 36.26
N SER D 121 -8.28 -28.45 37.33
CA SER D 121 -8.48 -29.32 38.48
C SER D 121 -9.29 -30.54 38.09
N ALA D 122 -10.34 -30.34 37.28
CA ALA D 122 -11.16 -31.44 36.82
C ALA D 122 -10.45 -32.15 35.67
N LYS D 123 -11.16 -33.03 34.99
CA LYS D 123 -10.61 -33.74 33.84
C LYS D 123 -11.69 -33.88 32.77
N HIS E 40 -58.86 21.81 10.51
CA HIS E 40 -58.27 23.11 10.82
C HIS E 40 -56.78 23.10 10.54
N ARG E 41 -56.28 24.20 10.00
CA ARG E 41 -54.87 24.28 9.63
C ARG E 41 -54.00 24.31 10.88
N TYR E 42 -52.91 23.55 10.84
CA TYR E 42 -51.98 23.44 11.95
C TYR E 42 -50.79 24.36 11.74
N ARG E 43 -50.23 24.84 12.84
CA ARG E 43 -49.11 25.75 12.78
C ARG E 43 -47.87 25.01 12.27
N PRO E 44 -46.93 25.74 11.65
CA PRO E 44 -45.72 25.08 11.16
C PRO E 44 -44.94 24.41 12.29
N GLY E 45 -44.41 23.22 12.00
CA GLY E 45 -43.64 22.44 12.93
C GLY E 45 -44.35 21.25 13.52
N THR E 46 -45.67 21.34 13.74
CA THR E 46 -46.39 20.28 14.43
C THR E 46 -46.28 18.96 13.69
N VAL E 47 -46.50 18.99 12.38
CA VAL E 47 -46.39 17.77 11.57
C VAL E 47 -44.98 17.21 11.68
N ALA E 48 -43.98 18.09 11.57
CA ALA E 48 -42.61 17.64 11.60
C ALA E 48 -42.30 16.91 12.90
N LEU E 49 -42.60 17.54 14.03
CA LEU E 49 -42.29 16.93 15.31
C LEU E 49 -43.06 15.64 15.53
N ARG E 50 -44.34 15.63 15.15
CA ARG E 50 -45.14 14.42 15.34
C ARG E 50 -44.55 13.27 14.55
N GLU E 51 -44.19 13.52 13.29
CA GLU E 51 -43.62 12.46 12.48
C GLU E 51 -42.26 12.05 12.98
N ILE E 52 -41.48 13.01 13.47
CA ILE E 52 -40.17 12.68 14.06
C ILE E 52 -40.36 11.69 15.19
N ARG E 53 -41.29 12.00 16.09
CA ARG E 53 -41.53 11.13 17.23
C ARG E 53 -42.01 9.76 16.78
N ARG E 54 -42.96 9.73 15.85
CA ARG E 54 -43.50 8.45 15.42
C ARG E 54 -42.43 7.61 14.73
N TYR E 55 -41.52 8.26 14.01
CA TYR E 55 -40.47 7.51 13.32
C TYR E 55 -39.43 7.01 14.28
N GLN E 56 -39.06 7.82 15.27
CA GLN E 56 -38.16 7.33 16.30
C GLN E 56 -38.79 6.15 17.04
N LYS E 57 -40.10 6.21 17.25
CA LYS E 57 -40.83 5.04 17.74
C LYS E 57 -40.76 3.91 16.71
N SER E 58 -40.90 4.24 15.44
CA SER E 58 -40.92 3.23 14.40
C SER E 58 -39.52 2.63 14.24
N THR E 59 -39.47 1.51 13.53
CA THR E 59 -38.24 0.78 13.31
C THR E 59 -38.03 0.36 11.87
N GLU E 60 -38.79 0.89 10.92
CA GLU E 60 -38.90 0.27 9.62
C GLU E 60 -38.21 1.08 8.54
N LEU E 61 -37.98 0.43 7.40
CA LEU E 61 -37.52 1.12 6.21
C LEU E 61 -38.60 2.08 5.73
N LEU E 62 -38.17 3.22 5.20
CA LEU E 62 -39.10 4.22 4.70
C LEU E 62 -38.98 4.41 3.19
N ILE E 63 -38.37 3.45 2.50
CA ILE E 63 -38.29 3.45 1.05
C ILE E 63 -38.83 2.12 0.57
N ARG E 64 -39.88 2.15 -0.26
CA ARG E 64 -40.39 0.90 -0.80
C ARG E 64 -39.38 0.31 -1.78
N LYS E 65 -39.44 -1.01 -1.93
CA LYS E 65 -38.31 -1.77 -2.47
C LYS E 65 -38.02 -1.41 -3.92
N LEU E 66 -39.05 -1.42 -4.78
CA LEU E 66 -38.82 -1.54 -6.21
C LEU E 66 -37.89 -0.47 -6.79
N PRO E 67 -38.06 0.82 -6.52
CA PRO E 67 -37.09 1.79 -7.09
C PRO E 67 -35.68 1.52 -6.64
N PHE E 68 -35.51 1.16 -5.37
CA PHE E 68 -34.19 0.87 -4.84
C PHE E 68 -33.58 -0.33 -5.55
N GLN E 69 -34.36 -1.40 -5.72
CA GLN E 69 -33.86 -2.57 -6.44
C GLN E 69 -33.48 -2.22 -7.86
N ARG E 70 -34.31 -1.43 -8.53
CA ARG E 70 -34.02 -1.08 -9.91
C ARG E 70 -32.73 -0.27 -9.99
N LEU E 71 -32.51 0.63 -9.03
CA LEU E 71 -31.24 1.35 -8.99
C LEU E 71 -30.08 0.40 -8.81
N VAL E 72 -30.23 -0.57 -7.91
CA VAL E 72 -29.19 -1.58 -7.72
C VAL E 72 -28.90 -2.28 -9.04
N ARG E 73 -29.95 -2.68 -9.74
CA ARG E 73 -29.76 -3.45 -10.96
C ARG E 73 -29.07 -2.61 -12.02
N GLU E 74 -29.44 -1.35 -12.14
CA GLU E 74 -28.83 -0.52 -13.20
C GLU E 74 -27.41 -0.12 -12.83
N ILE E 75 -27.06 -0.15 -11.54
CA ILE E 75 -25.67 0.13 -11.22
C ILE E 75 -24.81 -1.13 -11.24
N ALA E 76 -25.44 -2.29 -11.13
CA ALA E 76 -24.68 -3.54 -11.02
C ALA E 76 -24.00 -3.90 -12.34
N GLN E 77 -24.74 -3.85 -13.44
CA GLN E 77 -24.20 -4.30 -14.72
C GLN E 77 -23.08 -3.41 -15.22
N ASP E 78 -22.88 -2.25 -14.60
CA ASP E 78 -21.86 -1.30 -15.00
C ASP E 78 -20.48 -1.91 -14.85
N PHE E 79 -20.41 -3.12 -14.30
CA PHE E 79 -19.19 -3.89 -14.24
C PHE E 79 -19.29 -5.23 -14.94
N LYS E 80 -20.47 -5.84 -15.00
CA LYS E 80 -20.67 -7.10 -15.70
C LYS E 80 -22.16 -7.37 -15.78
N THR E 81 -22.58 -7.95 -16.90
CA THR E 81 -23.99 -8.27 -17.12
C THR E 81 -24.29 -9.68 -16.65
N ASP E 82 -25.59 -9.97 -16.52
CA ASP E 82 -26.09 -11.28 -16.11
C ASP E 82 -25.55 -11.68 -14.73
N LEU E 83 -25.97 -10.91 -13.73
CA LEU E 83 -25.65 -11.20 -12.34
C LEU E 83 -26.95 -11.43 -11.58
N ARG E 84 -27.24 -12.68 -11.25
CA ARG E 84 -28.41 -12.99 -10.46
C ARG E 84 -28.20 -12.51 -9.04
N PHE E 85 -29.24 -11.92 -8.45
CA PHE E 85 -29.13 -11.23 -7.18
C PHE E 85 -29.71 -12.06 -6.05
N GLN E 86 -29.06 -11.99 -4.89
CA GLN E 86 -29.62 -12.57 -3.68
C GLN E 86 -30.51 -11.56 -2.97
N SER E 87 -31.73 -11.99 -2.64
CA SER E 87 -32.64 -11.16 -1.87
C SER E 87 -32.01 -10.78 -0.55
N SER E 88 -31.36 -11.74 0.12
CA SER E 88 -30.62 -11.41 1.33
C SER E 88 -29.61 -10.31 1.06
N ALA E 89 -28.87 -10.44 -0.04
CA ALA E 89 -27.87 -9.43 -0.37
C ALA E 89 -28.50 -8.06 -0.53
N VAL E 90 -29.55 -7.97 -1.35
CA VAL E 90 -30.12 -6.68 -1.66
C VAL E 90 -30.79 -6.07 -0.43
N MET E 91 -31.42 -6.90 0.39
CA MET E 91 -32.04 -6.38 1.60
C MET E 91 -31.00 -5.83 2.55
N ALA E 92 -29.89 -6.56 2.73
CA ALA E 92 -28.81 -6.04 3.55
C ALA E 92 -28.30 -4.74 2.97
N LEU E 93 -28.21 -4.66 1.65
CA LEU E 93 -27.79 -3.42 1.01
C LEU E 93 -28.72 -2.27 1.39
N GLN E 94 -30.02 -2.51 1.28
CA GLN E 94 -30.98 -1.47 1.60
C GLN E 94 -30.82 -1.02 3.05
N GLU E 95 -30.72 -1.99 3.96
CA GLU E 95 -30.62 -1.65 5.36
C GLU E 95 -29.35 -0.86 5.64
N ALA E 96 -28.24 -1.27 5.05
CA ALA E 96 -26.98 -0.59 5.30
C ALA E 96 -27.02 0.83 4.75
N SER E 97 -27.57 1.00 3.55
CA SER E 97 -27.68 2.33 2.99
C SER E 97 -28.52 3.21 3.90
N GLU E 98 -29.64 2.66 4.38
CA GLU E 98 -30.51 3.44 5.24
C GLU E 98 -29.78 3.84 6.52
N ALA E 99 -29.06 2.91 7.12
CA ALA E 99 -28.35 3.23 8.35
C ALA E 99 -27.30 4.31 8.11
N TYR E 100 -26.54 4.18 7.03
CA TYR E 100 -25.50 5.15 6.74
C TYR E 100 -26.10 6.52 6.55
N LEU E 101 -27.15 6.62 5.75
CA LEU E 101 -27.74 7.93 5.50
C LEU E 101 -28.37 8.51 6.75
N VAL E 102 -28.95 7.67 7.61
CA VAL E 102 -29.51 8.19 8.86
C VAL E 102 -28.39 8.78 9.71
N ALA E 103 -27.27 8.07 9.79
CA ALA E 103 -26.11 8.61 10.48
C ALA E 103 -25.75 9.98 9.93
N LEU E 104 -25.72 10.10 8.61
CA LEU E 104 -25.43 11.40 8.01
C LEU E 104 -26.47 12.43 8.40
N PHE E 105 -27.73 12.01 8.51
CA PHE E 105 -28.76 12.93 8.95
C PHE E 105 -28.46 13.50 10.31
N GLU E 106 -28.16 12.64 11.29
CA GLU E 106 -27.85 13.17 12.60
C GLU E 106 -26.60 14.05 12.55
N ASP E 107 -25.66 13.69 11.69
CA ASP E 107 -24.48 14.53 11.51
C ASP E 107 -24.90 15.94 11.16
N THR E 108 -25.77 16.07 10.16
CA THR E 108 -26.21 17.38 9.73
C THR E 108 -27.05 18.07 10.80
N ASN E 109 -27.82 17.30 11.56
CA ASN E 109 -28.60 17.91 12.64
C ASN E 109 -27.67 18.58 13.64
N LEU E 110 -26.63 17.87 14.04
CA LEU E 110 -25.62 18.47 14.91
C LEU E 110 -24.99 19.69 14.25
N CYS E 111 -24.74 19.60 12.95
CA CYS E 111 -24.19 20.75 12.24
C CYS E 111 -25.09 21.97 12.39
N ALA E 112 -26.39 21.78 12.14
CA ALA E 112 -27.33 22.89 12.22
C ALA E 112 -27.41 23.43 13.65
N ILE E 113 -27.35 22.53 14.63
CA ILE E 113 -27.29 22.97 16.02
C ILE E 113 -26.08 23.87 16.21
N HIS E 114 -24.93 23.43 15.71
CA HIS E 114 -23.73 24.25 15.74
C HIS E 114 -23.95 25.54 14.96
N ALA E 115 -24.85 25.53 14.00
CA ALA E 115 -25.10 26.67 13.14
C ALA E 115 -26.07 27.68 13.76
N LYS E 116 -26.60 27.39 14.95
CA LYS E 116 -27.64 28.21 15.55
C LYS E 116 -28.82 28.37 14.60
N ARG E 117 -28.99 27.43 13.70
CA ARG E 117 -30.03 27.49 12.68
C ARG E 117 -30.88 26.24 12.77
N VAL E 118 -32.14 26.37 12.35
CA VAL E 118 -33.06 25.24 12.39
C VAL E 118 -33.45 24.86 10.97
N THR E 119 -32.57 25.14 10.02
CA THR E 119 -32.78 24.74 8.64
C THR E 119 -31.47 24.23 8.07
N ILE E 120 -31.56 23.14 7.32
CA ILE E 120 -30.38 22.48 6.76
C ILE E 120 -30.04 23.09 5.41
N MET E 121 -28.77 22.99 5.04
CA MET E 121 -28.28 23.55 3.78
C MET E 121 -26.95 22.89 3.46
N PRO E 122 -26.55 22.92 2.19
CA PRO E 122 -25.48 21.99 1.73
C PRO E 122 -24.15 22.08 2.48
N LYS E 123 -23.67 23.27 2.81
CA LYS E 123 -22.35 23.32 3.44
C LYS E 123 -22.33 22.54 4.73
N ASP E 124 -23.50 22.33 5.34
CA ASP E 124 -23.59 21.46 6.51
C ASP E 124 -23.16 20.05 6.17
N ILE E 125 -23.74 19.46 5.12
CA ILE E 125 -23.38 18.09 4.78
C ILE E 125 -21.95 18.06 4.28
N GLN E 126 -21.49 19.13 3.61
CA GLN E 126 -20.11 19.15 3.16
C GLN E 126 -19.16 19.03 4.34
N LEU E 127 -19.39 19.84 5.37
CA LEU E 127 -18.57 19.75 6.57
C LEU E 127 -18.68 18.38 7.21
N ALA E 128 -19.91 17.85 7.28
CA ALA E 128 -20.10 16.56 7.91
C ALA E 128 -19.31 15.48 7.19
N ARG E 129 -19.37 15.47 5.87
CA ARG E 129 -18.61 14.50 5.10
C ARG E 129 -17.11 14.69 5.31
N ARG E 130 -16.65 15.94 5.31
CA ARG E 130 -15.23 16.18 5.47
C ARG E 130 -14.75 15.65 6.81
N ILE E 131 -15.48 15.96 7.88
CA ILE E 131 -15.07 15.50 9.19
C ILE E 131 -15.22 13.98 9.32
N ARG E 132 -16.21 13.40 8.66
CA ARG E 132 -16.26 11.95 8.58
C ARG E 132 -15.07 11.40 7.80
N GLY E 133 -14.55 12.19 6.87
CA GLY E 133 -13.41 11.79 6.09
C GLY E 133 -13.68 10.73 5.05
N GLU E 134 -14.95 10.41 4.77
CA GLU E 134 -15.22 9.41 3.74
C GLU E 134 -14.91 9.99 2.36
N ARG E 135 -15.07 11.30 2.19
CA ARG E 135 -14.73 11.94 0.93
C ARG E 135 -13.22 12.18 0.88
N ALA E 136 -12.64 11.99 -0.30
CA ALA E 136 -11.21 12.20 -0.49
C ALA E 136 -10.86 13.66 -0.30
N ASN F 26 -35.51 6.67 -12.97
CA ASN F 26 -34.22 6.10 -12.61
C ASN F 26 -33.83 6.46 -11.19
N ILE F 27 -32.74 7.23 -11.05
CA ILE F 27 -32.21 7.57 -9.74
C ILE F 27 -33.21 8.36 -8.92
N GLN F 28 -34.17 9.01 -9.56
CA GLN F 28 -35.18 9.76 -8.83
C GLN F 28 -36.12 8.86 -8.03
N GLY F 29 -35.88 7.54 -8.02
CA GLY F 29 -36.76 6.64 -7.31
C GLY F 29 -36.88 6.93 -5.83
N ILE F 30 -35.93 7.67 -5.26
CA ILE F 30 -36.01 8.09 -3.86
C ILE F 30 -36.85 9.36 -3.83
N THR F 31 -38.11 9.24 -3.44
CA THR F 31 -39.02 10.37 -3.47
C THR F 31 -38.63 11.40 -2.43
N LYS F 32 -38.83 12.67 -2.77
CA LYS F 32 -38.58 13.73 -1.81
C LYS F 32 -39.41 13.58 -0.53
N PRO F 33 -40.67 13.15 -0.55
CA PRO F 33 -41.34 12.87 0.72
C PRO F 33 -40.65 11.79 1.51
N ALA F 34 -40.09 10.77 0.85
CA ALA F 34 -39.30 9.79 1.56
C ALA F 34 -38.11 10.43 2.23
N ILE F 35 -37.48 11.38 1.53
CA ILE F 35 -36.35 12.09 2.11
C ILE F 35 -36.79 12.88 3.33
N ARG F 36 -37.95 13.52 3.24
CA ARG F 36 -38.49 14.22 4.40
C ARG F 36 -38.71 13.26 5.56
N ARG F 37 -39.24 12.07 5.25
CA ARG F 37 -39.47 11.08 6.30
C ARG F 37 -38.17 10.66 6.97
N LEU F 38 -37.13 10.38 6.18
CA LEU F 38 -35.86 10.00 6.76
C LEU F 38 -35.29 11.14 7.59
N ALA F 39 -35.46 12.38 7.13
CA ALA F 39 -35.04 13.53 7.91
C ALA F 39 -35.77 13.55 9.25
N ARG F 40 -37.06 13.24 9.23
CA ARG F 40 -37.82 13.16 10.47
C ARG F 40 -37.27 12.06 11.38
N ARG F 41 -36.83 10.95 10.79
CA ARG F 41 -36.12 9.95 11.59
C ARG F 41 -34.88 10.55 12.22
N GLY F 42 -34.19 11.42 11.48
CA GLY F 42 -33.11 12.18 12.05
C GLY F 42 -33.55 13.37 12.85
N GLY F 43 -34.86 13.61 12.95
CA GLY F 43 -35.35 14.74 13.70
C GLY F 43 -35.13 16.08 13.04
N VAL F 44 -34.76 16.09 11.75
CA VAL F 44 -34.59 17.34 11.04
C VAL F 44 -35.93 18.07 11.02
N LYS F 45 -35.88 19.40 11.02
CA LYS F 45 -37.09 20.21 11.10
C LYS F 45 -37.39 20.94 9.81
N ARG F 46 -36.51 21.81 9.34
CA ARG F 46 -36.73 22.56 8.11
C ARG F 46 -35.69 22.16 7.09
N ILE F 47 -36.14 21.81 5.89
CA ILE F 47 -35.32 21.14 4.90
C ILE F 47 -35.42 21.91 3.59
N SER F 48 -34.28 22.32 3.05
CA SER F 48 -34.27 22.98 1.75
C SER F 48 -34.15 21.94 0.65
N GLY F 49 -34.59 22.34 -0.55
CA GLY F 49 -34.59 21.42 -1.67
C GLY F 49 -33.20 20.97 -2.08
N LEU F 50 -32.21 21.85 -1.92
CA LEU F 50 -30.86 21.56 -2.39
C LEU F 50 -30.32 20.29 -1.76
N ILE F 51 -30.70 20.03 -0.52
CA ILE F 51 -30.20 18.86 0.18
C ILE F 51 -30.60 17.59 -0.54
N TYR F 52 -31.81 17.56 -1.10
CA TYR F 52 -32.35 16.35 -1.69
C TYR F 52 -31.40 15.74 -2.73
N GLU F 53 -31.13 16.49 -3.79
CA GLU F 53 -30.36 15.93 -4.91
C GLU F 53 -28.93 15.59 -4.50
N GLU F 54 -28.31 16.45 -3.69
CA GLU F 54 -26.92 16.22 -3.30
C GLU F 54 -26.80 14.99 -2.41
N THR F 55 -27.73 14.80 -1.48
CA THR F 55 -27.72 13.58 -0.70
C THR F 55 -28.03 12.36 -1.55
N ARG F 56 -28.89 12.53 -2.55
CA ARG F 56 -29.10 11.44 -3.51
C ARG F 56 -27.78 11.04 -4.14
N GLY F 57 -26.99 12.02 -4.55
CA GLY F 57 -25.68 11.73 -5.12
C GLY F 57 -24.76 11.06 -4.13
N VAL F 58 -24.76 11.52 -2.88
CA VAL F 58 -23.87 10.96 -1.88
C VAL F 58 -24.21 9.49 -1.62
N LEU F 59 -25.49 9.20 -1.47
CA LEU F 59 -25.88 7.80 -1.29
C LEU F 59 -25.56 7.00 -2.53
N LYS F 60 -25.66 7.61 -3.72
CA LYS F 60 -25.25 6.93 -4.93
C LYS F 60 -23.78 6.53 -4.86
N VAL F 61 -22.95 7.44 -4.36
CA VAL F 61 -21.52 7.13 -4.19
C VAL F 61 -21.35 5.98 -3.23
N PHE F 62 -22.06 6.04 -2.10
CA PHE F 62 -22.05 4.94 -1.14
C PHE F 62 -22.37 3.62 -1.83
N LEU F 63 -23.42 3.64 -2.65
CA LEU F 63 -23.89 2.44 -3.31
C LEU F 63 -22.86 1.91 -4.30
N GLU F 64 -22.24 2.81 -5.07
CA GLU F 64 -21.28 2.31 -6.04
C GLU F 64 -20.07 1.72 -5.34
N ASN F 65 -19.64 2.34 -4.23
CA ASN F 65 -18.56 1.73 -3.45
C ASN F 65 -18.94 0.32 -3.04
N VAL F 66 -20.11 0.16 -2.45
CA VAL F 66 -20.45 -1.16 -1.92
C VAL F 66 -20.57 -2.16 -3.05
N ILE F 67 -21.15 -1.76 -4.18
CA ILE F 67 -21.35 -2.74 -5.24
C ILE F 67 -20.03 -3.13 -5.88
N ARG F 68 -19.13 -2.16 -6.08
CA ARG F 68 -17.84 -2.51 -6.68
C ARG F 68 -17.07 -3.45 -5.77
N ASP F 69 -17.08 -3.20 -4.46
CA ASP F 69 -16.38 -4.11 -3.57
C ASP F 69 -17.05 -5.48 -3.54
N ALA F 70 -18.38 -5.49 -3.53
CA ALA F 70 -19.10 -6.77 -3.49
C ALA F 70 -18.80 -7.58 -4.72
N VAL F 71 -18.82 -6.96 -5.90
CA VAL F 71 -18.54 -7.72 -7.11
C VAL F 71 -17.07 -8.08 -7.17
N THR F 72 -16.20 -7.27 -6.58
CA THR F 72 -14.80 -7.66 -6.43
C THR F 72 -14.72 -9.00 -5.72
N TYR F 73 -15.43 -9.12 -4.62
CA TYR F 73 -15.45 -10.39 -3.91
C TYR F 73 -16.17 -11.47 -4.71
N THR F 74 -17.17 -11.08 -5.50
CA THR F 74 -17.93 -12.05 -6.29
C THR F 74 -17.05 -12.72 -7.33
N GLU F 75 -16.37 -11.92 -8.14
CA GLU F 75 -15.41 -12.46 -9.09
C GLU F 75 -14.26 -13.13 -8.36
N HIS F 76 -13.91 -12.62 -7.17
CA HIS F 76 -12.91 -13.29 -6.36
C HIS F 76 -13.39 -14.68 -5.97
N ALA F 77 -14.68 -14.84 -5.76
CA ALA F 77 -15.29 -16.15 -5.53
C ALA F 77 -15.54 -16.89 -6.83
N LYS F 78 -15.29 -16.26 -7.98
CA LYS F 78 -15.45 -16.88 -9.29
C LYS F 78 -16.88 -17.39 -9.48
N ARG F 79 -17.82 -16.45 -9.47
CA ARG F 79 -19.21 -16.75 -9.76
C ARG F 79 -19.85 -15.55 -10.44
N LYS F 80 -20.82 -15.83 -11.30
CA LYS F 80 -21.61 -14.79 -11.94
C LYS F 80 -22.97 -14.61 -11.27
N THR F 81 -23.12 -15.17 -10.07
CA THR F 81 -24.26 -14.89 -9.22
C THR F 81 -23.75 -14.28 -7.92
N VAL F 82 -24.19 -13.06 -7.63
CA VAL F 82 -23.75 -12.39 -6.41
C VAL F 82 -24.38 -13.05 -5.19
N THR F 83 -23.64 -13.08 -4.09
CA THR F 83 -24.09 -13.70 -2.86
C THR F 83 -24.07 -12.67 -1.73
N ALA F 84 -24.96 -12.89 -0.75
CA ALA F 84 -25.02 -11.98 0.39
C ALA F 84 -23.71 -11.95 1.16
N MET F 85 -23.00 -13.08 1.20
CA MET F 85 -21.71 -13.09 1.87
C MET F 85 -20.75 -12.11 1.21
N ASP F 86 -20.79 -12.01 -0.11
CA ASP F 86 -19.99 -10.98 -0.78
C ASP F 86 -20.35 -9.60 -0.27
N VAL F 87 -21.65 -9.33 -0.13
CA VAL F 87 -22.10 -8.03 0.34
C VAL F 87 -21.53 -7.75 1.73
N VAL F 88 -21.68 -8.70 2.64
CA VAL F 88 -21.29 -8.46 4.01
C VAL F 88 -19.78 -8.31 4.12
N TYR F 89 -19.03 -9.13 3.39
CA TYR F 89 -17.58 -9.01 3.42
C TYR F 89 -17.14 -7.66 2.86
N ALA F 90 -17.79 -7.21 1.78
CA ALA F 90 -17.50 -5.89 1.25
C ALA F 90 -17.76 -4.83 2.30
N LEU F 91 -18.85 -4.96 3.04
CA LEU F 91 -19.15 -4.01 4.10
C LEU F 91 -18.03 -3.99 5.11
N LYS F 92 -17.62 -5.17 5.56
CA LYS F 92 -16.53 -5.27 6.54
C LYS F 92 -15.22 -4.75 5.97
N ARG F 93 -15.11 -4.64 4.64
CA ARG F 93 -13.89 -4.09 4.08
C ARG F 93 -13.67 -2.65 4.54
N GLN F 94 -14.72 -2.00 5.05
CA GLN F 94 -14.60 -0.66 5.59
C GLN F 94 -15.00 -0.60 7.06
N GLY F 95 -15.12 -1.74 7.71
CA GLY F 95 -15.66 -1.74 9.05
C GLY F 95 -17.12 -1.31 9.07
N ARG F 96 -17.90 -1.82 8.13
CA ARG F 96 -19.31 -1.46 8.01
C ARG F 96 -20.14 -2.65 8.46
N THR F 97 -19.77 -3.17 9.61
CA THR F 97 -20.34 -4.42 10.11
C THR F 97 -21.84 -4.32 10.32
N LEU F 98 -22.55 -5.31 9.78
CA LEU F 98 -23.97 -5.50 9.95
C LEU F 98 -24.24 -6.93 10.38
N TYR F 99 -25.33 -7.13 11.11
CA TYR F 99 -25.69 -8.44 11.59
C TYR F 99 -27.02 -8.87 10.96
N GLY F 100 -27.43 -10.09 11.32
CA GLY F 100 -28.70 -10.62 10.84
C GLY F 100 -28.64 -11.30 9.49
N PHE F 101 -27.47 -11.74 9.05
CA PHE F 101 -27.37 -12.39 7.74
C PHE F 101 -26.43 -13.58 7.71
N GLY F 102 -26.00 -14.08 8.86
CA GLY F 102 -25.27 -15.33 8.94
C GLY F 102 -24.04 -15.45 8.06
N GLY F 103 -23.02 -14.64 8.34
CA GLY F 103 -21.79 -14.70 7.58
C GLY F 103 -21.04 -16.02 7.75
N PRO G 39 41.74 36.20 14.14
CA PRO G 39 42.14 35.05 13.34
C PRO G 39 41.55 33.75 13.85
N HIS G 40 40.26 33.76 14.16
CA HIS G 40 39.59 32.59 14.71
C HIS G 40 39.67 31.45 13.71
N ARG G 41 39.89 30.24 14.23
CA ARG G 41 40.01 29.05 13.38
C ARG G 41 39.39 27.87 14.10
N TYR G 42 38.28 27.36 13.54
CA TYR G 42 37.75 26.08 13.98
C TYR G 42 38.50 24.95 13.31
N ARG G 43 38.41 23.77 13.92
CA ARG G 43 39.00 22.58 13.34
C ARG G 43 38.36 22.30 11.98
N PRO G 44 39.14 21.91 10.97
CA PRO G 44 38.55 21.66 9.65
C PRO G 44 37.45 20.60 9.68
N GLY G 45 36.21 21.04 9.43
CA GLY G 45 35.05 20.18 9.45
C GLY G 45 34.08 20.43 10.58
N THR G 46 34.40 21.31 11.54
CA THR G 46 33.51 21.55 12.67
C THR G 46 32.19 22.18 12.22
N VAL G 47 32.27 23.28 11.48
CA VAL G 47 31.07 23.89 10.92
C VAL G 47 30.39 22.92 9.97
N ALA G 48 31.18 22.11 9.27
CA ALA G 48 30.61 21.14 8.34
C ALA G 48 29.66 20.19 9.05
N LEU G 49 30.12 19.58 10.14
CA LEU G 49 29.28 18.66 10.91
C LEU G 49 28.15 19.36 11.65
N ARG G 50 28.39 20.57 12.17
CA ARG G 50 27.30 21.30 12.81
C ARG G 50 26.17 21.57 11.83
N GLU G 51 26.52 22.03 10.62
CA GLU G 51 25.49 22.19 9.61
C GLU G 51 25.02 20.87 9.07
N ILE G 52 25.77 19.78 9.28
CA ILE G 52 25.26 18.46 8.93
C ILE G 52 24.00 18.15 9.74
N ARG G 53 24.11 18.31 11.07
CA ARG G 53 22.90 18.12 11.87
C ARG G 53 21.85 19.18 11.57
N ARG G 54 22.27 20.43 11.37
CA ARG G 54 21.29 21.48 11.10
C ARG G 54 20.48 21.16 9.84
N TYR G 55 21.16 20.75 8.78
CA TYR G 55 20.49 20.47 7.51
C TYR G 55 19.67 19.19 7.59
N GLN G 56 20.18 18.17 8.27
CA GLN G 56 19.37 16.96 8.44
C GLN G 56 18.10 17.26 9.20
N LYS G 57 18.19 18.11 10.22
CA LYS G 57 17.01 18.52 10.97
C LYS G 57 16.16 19.53 10.22
N SER G 58 16.61 20.01 9.06
CA SER G 58 15.84 20.93 8.25
C SER G 58 15.36 20.25 6.98
N THR G 59 14.33 20.83 6.38
CA THR G 59 13.76 20.36 5.12
C THR G 59 13.50 21.53 4.18
N GLU G 60 14.52 22.37 4.00
CA GLU G 60 14.43 23.56 3.17
C GLU G 60 15.21 23.36 1.87
N LEU G 61 14.66 23.85 0.77
CA LEU G 61 15.33 23.76 -0.52
C LEU G 61 16.56 24.66 -0.53
N LEU G 62 17.73 24.06 -0.79
CA LEU G 62 18.98 24.80 -0.78
C LEU G 62 19.29 25.48 -2.11
N ILE G 63 18.72 24.98 -3.20
CA ILE G 63 18.92 25.62 -4.50
C ILE G 63 18.31 27.02 -4.48
N ARG G 64 19.04 27.99 -5.01
CA ARG G 64 18.48 29.31 -5.20
C ARG G 64 17.40 29.26 -6.28
N LYS G 65 16.24 29.83 -5.97
CA LYS G 65 15.04 29.56 -6.76
C LYS G 65 15.13 30.16 -8.16
N LEU G 66 15.52 31.43 -8.26
CA LEU G 66 15.64 32.06 -9.58
C LEU G 66 16.69 31.40 -10.45
N PRO G 67 17.91 31.09 -9.97
CA PRO G 67 18.84 30.33 -10.82
C PRO G 67 18.28 28.99 -11.26
N PHE G 68 17.52 28.32 -10.39
CA PHE G 68 16.92 27.05 -10.78
C PHE G 68 15.91 27.24 -11.90
N GLN G 69 15.07 28.27 -11.80
CA GLN G 69 14.10 28.53 -12.86
C GLN G 69 14.83 28.86 -14.16
N ARG G 70 15.94 29.60 -14.06
CA ARG G 70 16.74 29.88 -15.24
C ARG G 70 17.29 28.62 -15.87
N LEU G 71 17.78 27.68 -15.06
CA LEU G 71 18.29 26.42 -15.59
C LEU G 71 17.17 25.60 -16.24
N VAL G 72 15.99 25.58 -15.60
CA VAL G 72 14.84 24.91 -16.18
C VAL G 72 14.53 25.49 -17.56
N ARG G 73 14.54 26.82 -17.65
CA ARG G 73 14.36 27.48 -18.93
C ARG G 73 15.45 27.09 -19.92
N GLU G 74 16.69 26.93 -19.43
CA GLU G 74 17.80 26.59 -20.30
C GLU G 74 17.55 25.26 -21.00
N ILE G 75 17.27 24.21 -20.22
CA ILE G 75 17.03 22.91 -20.84
C ILE G 75 15.73 22.91 -21.65
N ALA G 76 14.70 23.63 -21.20
CA ALA G 76 13.46 23.70 -21.96
C ALA G 76 13.69 24.31 -23.33
N GLN G 77 14.49 25.38 -23.40
CA GLN G 77 14.90 25.93 -24.68
C GLN G 77 15.74 24.93 -25.47
N ASP G 78 16.60 24.17 -24.78
CA ASP G 78 17.38 23.16 -25.46
C ASP G 78 16.49 22.16 -26.19
N PHE G 79 15.31 21.87 -25.65
CA PHE G 79 14.42 20.88 -26.23
C PHE G 79 13.38 21.49 -27.16
N LYS G 80 12.52 22.35 -26.63
CA LYS G 80 11.52 23.01 -27.46
C LYS G 80 11.09 24.29 -26.74
N THR G 81 11.21 25.41 -27.44
CA THR G 81 10.85 26.70 -26.87
C THR G 81 9.32 26.80 -26.94
N ASP G 82 8.76 27.90 -26.43
CA ASP G 82 7.31 28.09 -26.32
C ASP G 82 6.71 27.00 -25.44
N LEU G 83 7.15 26.99 -24.18
CA LEU G 83 6.58 26.15 -23.13
C LEU G 83 6.44 27.02 -21.89
N ARG G 84 5.23 27.46 -21.60
CA ARG G 84 4.99 28.24 -20.40
C ARG G 84 5.40 27.45 -19.17
N PHE G 85 6.20 28.10 -18.33
CA PHE G 85 6.80 27.48 -17.15
C PHE G 85 5.86 27.65 -15.97
N GLN G 86 5.15 26.59 -15.61
CA GLN G 86 4.38 26.62 -14.38
C GLN G 86 5.30 26.70 -13.18
N SER G 87 4.95 27.58 -12.24
CA SER G 87 5.72 27.69 -11.01
C SER G 87 5.69 26.37 -10.24
N SER G 88 4.55 25.70 -10.23
CA SER G 88 4.45 24.41 -9.55
C SER G 88 5.35 23.38 -10.20
N ALA G 89 5.40 23.36 -11.54
CA ALA G 89 6.28 22.43 -12.23
C ALA G 89 7.73 22.68 -11.86
N VAL G 90 8.15 23.94 -11.87
CA VAL G 90 9.54 24.28 -11.56
C VAL G 90 9.87 23.92 -10.13
N MET G 91 8.98 24.25 -9.18
CA MET G 91 9.26 23.90 -7.80
C MET G 91 9.33 22.40 -7.61
N ALA G 92 8.40 21.66 -8.22
CA ALA G 92 8.44 20.20 -8.19
C ALA G 92 9.78 19.69 -8.68
N LEU G 93 10.26 20.23 -9.80
CA LEU G 93 11.59 19.91 -10.28
C LEU G 93 12.63 20.20 -9.22
N GLN G 94 12.49 21.30 -8.50
CA GLN G 94 13.48 21.66 -7.50
C GLN G 94 13.58 20.61 -6.41
N GLU G 95 12.44 20.24 -5.80
CA GLU G 95 12.58 19.27 -4.71
C GLU G 95 12.90 17.89 -5.24
N ALA G 96 12.42 17.52 -6.42
CA ALA G 96 12.76 16.21 -6.96
C ALA G 96 14.25 16.12 -7.23
N SER G 97 14.82 17.16 -7.83
CA SER G 97 16.26 17.18 -8.09
C SER G 97 17.04 17.13 -6.80
N GLU G 98 16.62 17.89 -5.79
CA GLU G 98 17.36 17.90 -4.53
C GLU G 98 17.27 16.55 -3.83
N ALA G 99 16.12 15.87 -3.93
CA ALA G 99 16.00 14.54 -3.36
C ALA G 99 16.91 13.54 -4.07
N TYR G 100 16.92 13.59 -5.40
CA TYR G 100 17.84 12.75 -6.16
C TYR G 100 19.27 13.02 -5.72
N LEU G 101 19.63 14.30 -5.62
CA LEU G 101 20.93 14.70 -5.11
C LEU G 101 21.22 14.01 -3.80
N VAL G 102 20.39 14.26 -2.78
CA VAL G 102 20.72 13.82 -1.43
C VAL G 102 20.82 12.30 -1.38
N ALA G 103 19.95 11.60 -2.13
CA ALA G 103 20.02 10.15 -2.20
C ALA G 103 21.39 9.71 -2.70
N LEU G 104 21.83 10.29 -3.82
CA LEU G 104 23.17 10.00 -4.31
C LEU G 104 24.23 10.37 -3.27
N PHE G 105 23.99 11.42 -2.48
CA PHE G 105 25.00 11.78 -1.49
C PHE G 105 25.14 10.72 -0.42
N GLU G 106 24.04 10.21 0.15
CA GLU G 106 24.27 9.18 1.17
C GLU G 106 24.90 7.94 0.54
N ASP G 107 24.45 7.57 -0.67
CA ASP G 107 25.02 6.38 -1.28
C ASP G 107 26.52 6.53 -1.50
N THR G 108 26.95 7.66 -2.07
CA THR G 108 28.37 7.87 -2.34
C THR G 108 29.17 7.97 -1.06
N ASN G 109 28.67 8.73 -0.08
CA ASN G 109 29.41 8.91 1.17
C ASN G 109 29.58 7.58 1.90
N LEU G 110 28.52 6.77 1.93
CA LEU G 110 28.60 5.48 2.61
C LEU G 110 29.48 4.50 1.85
N CYS G 111 29.48 4.54 0.51
CA CYS G 111 30.43 3.74 -0.24
C CYS G 111 31.86 4.16 0.08
N ALA G 112 32.10 5.47 0.18
CA ALA G 112 33.44 5.96 0.52
C ALA G 112 33.85 5.51 1.91
N ILE G 113 32.91 5.55 2.87
CA ILE G 113 33.21 5.10 4.22
C ILE G 113 33.55 3.62 4.21
N HIS G 114 32.78 2.83 3.47
CA HIS G 114 33.15 1.43 3.23
C HIS G 114 34.53 1.34 2.59
N ALA G 115 34.86 2.31 1.73
CA ALA G 115 36.16 2.40 1.09
C ALA G 115 37.21 3.04 1.99
N LYS G 116 36.93 3.13 3.30
CA LYS G 116 37.88 3.62 4.28
C LYS G 116 38.28 5.06 3.99
N ARG G 117 37.29 5.87 3.58
CA ARG G 117 37.53 7.26 3.24
C ARG G 117 36.29 8.07 3.57
N VAL G 118 36.49 9.35 3.86
CA VAL G 118 35.38 10.26 4.12
C VAL G 118 35.39 11.47 3.20
N THR G 119 36.54 11.89 2.68
CA THR G 119 36.60 12.97 1.70
C THR G 119 36.22 12.37 0.36
N ILE G 120 34.93 12.40 0.05
CA ILE G 120 34.47 11.78 -1.19
C ILE G 120 35.10 12.50 -2.37
N MET G 121 35.58 11.71 -3.32
CA MET G 121 36.18 12.20 -4.55
C MET G 121 35.42 11.56 -5.71
N PRO G 122 35.51 12.16 -6.91
CA PRO G 122 34.65 11.72 -8.01
C PRO G 122 34.67 10.23 -8.30
N LYS G 123 35.77 9.52 -8.03
CA LYS G 123 35.78 8.08 -8.27
C LYS G 123 34.64 7.39 -7.52
N ASP G 124 34.45 7.77 -6.26
CA ASP G 124 33.30 7.26 -5.51
C ASP G 124 32.01 7.62 -6.21
N ILE G 125 31.97 8.78 -6.87
CA ILE G 125 30.76 9.22 -7.53
C ILE G 125 30.41 8.28 -8.68
N GLN G 126 31.37 8.00 -9.57
CA GLN G 126 30.98 7.11 -10.67
C GLN G 126 30.78 5.69 -10.16
N LEU G 127 31.45 5.31 -9.07
CA LEU G 127 31.13 4.01 -8.48
C LEU G 127 29.68 3.96 -8.03
N ALA G 128 29.21 5.03 -7.39
CA ALA G 128 27.82 5.09 -6.98
C ALA G 128 26.89 5.07 -8.19
N ARG G 129 27.24 5.82 -9.23
CA ARG G 129 26.40 5.84 -10.42
C ARG G 129 26.32 4.47 -11.08
N ARG G 130 27.47 3.81 -11.21
CA ARG G 130 27.51 2.50 -11.85
C ARG G 130 26.75 1.46 -11.04
N ILE G 131 26.94 1.47 -9.72
CA ILE G 131 26.23 0.49 -8.90
C ILE G 131 24.74 0.78 -8.89
N ARG G 132 24.35 2.06 -8.95
CA ARG G 132 22.94 2.38 -9.15
C ARG G 132 22.46 1.97 -10.53
N GLY G 133 23.39 1.77 -11.47
CA GLY G 133 23.06 1.45 -12.83
C GLY G 133 23.04 2.63 -13.78
N GLU G 134 22.91 3.84 -13.26
CA GLU G 134 22.87 5.03 -14.10
C GLU G 134 24.23 5.28 -14.74
N ARG G 135 24.20 5.67 -16.02
CA ARG G 135 25.42 6.04 -16.72
C ARG G 135 25.33 7.48 -17.23
N LYS H 21 13.43 33.28 -22.75
CA LYS H 21 14.67 33.64 -23.45
C LYS H 21 15.76 32.61 -23.19
N VAL H 22 16.60 32.38 -24.20
CA VAL H 22 17.67 31.40 -24.07
C VAL H 22 18.76 31.94 -23.15
N LEU H 23 19.19 31.12 -22.20
CA LEU H 23 20.25 31.46 -21.27
C LEU H 23 21.26 30.33 -21.24
N ARG H 24 22.54 30.68 -21.14
CA ARG H 24 23.63 29.72 -21.11
C ARG H 24 24.32 29.76 -19.75
N ASP H 25 25.19 28.77 -19.53
CA ASP H 25 26.00 28.69 -18.31
C ASP H 25 25.12 28.66 -17.06
N ASN H 26 24.01 27.95 -17.13
CA ASN H 26 23.03 27.94 -16.06
C ASN H 26 23.20 26.77 -15.10
N ILE H 27 24.11 25.85 -15.36
CA ILE H 27 24.38 24.79 -14.40
C ILE H 27 25.15 25.32 -13.20
N GLN H 28 25.71 26.53 -13.29
CA GLN H 28 26.43 27.16 -12.20
C GLN H 28 25.50 27.90 -11.24
N GLY H 29 24.21 27.99 -11.55
CA GLY H 29 23.26 28.54 -10.60
C GLY H 29 23.23 27.79 -9.29
N ILE H 30 23.60 26.51 -9.31
CA ILE H 30 23.85 25.77 -8.06
C ILE H 30 25.30 26.08 -7.69
N THR H 31 25.47 27.18 -6.97
CA THR H 31 26.80 27.67 -6.66
C THR H 31 27.52 26.69 -5.74
N LYS H 32 28.81 26.94 -5.53
CA LYS H 32 29.62 26.06 -4.68
C LYS H 32 29.04 25.91 -3.27
N PRO H 33 28.65 26.98 -2.57
CA PRO H 33 27.97 26.78 -1.29
C PRO H 33 26.66 26.02 -1.43
N ALA H 34 25.91 26.21 -2.51
CA ALA H 34 24.69 25.44 -2.70
C ALA H 34 24.99 23.96 -2.81
N ILE H 35 26.02 23.61 -3.58
CA ILE H 35 26.42 22.22 -3.72
C ILE H 35 26.88 21.67 -2.37
N ARG H 36 27.64 22.46 -1.62
CA ARG H 36 28.09 22.01 -0.31
C ARG H 36 26.91 21.76 0.62
N ARG H 37 25.92 22.65 0.59
CA ARG H 37 24.73 22.46 1.42
C ARG H 37 23.99 21.18 1.05
N LEU H 38 23.79 20.96 -0.25
CA LEU H 38 23.10 19.75 -0.68
C LEU H 38 23.87 18.49 -0.30
N ALA H 39 25.20 18.59 -0.31
CA ALA H 39 26.02 17.47 0.17
C ALA H 39 25.82 17.25 1.65
N ARG H 40 25.80 18.33 2.43
CA ARG H 40 25.58 18.21 3.88
C ARG H 40 24.22 17.59 4.16
N ARG H 41 23.23 17.87 3.31
CA ARG H 41 21.94 17.21 3.45
C ARG H 41 22.08 15.71 3.28
N GLY H 42 22.93 15.27 2.36
CA GLY H 42 23.20 13.87 2.19
C GLY H 42 24.21 13.30 3.16
N GLY H 43 24.69 14.11 4.10
CA GLY H 43 25.59 13.63 5.12
C GLY H 43 27.05 13.59 4.73
N VAL H 44 27.41 14.05 3.53
CA VAL H 44 28.82 14.06 3.14
C VAL H 44 29.58 15.03 4.03
N LYS H 45 30.70 14.56 4.57
CA LYS H 45 31.46 15.35 5.55
C LYS H 45 32.55 16.17 4.88
N ARG H 46 33.51 15.51 4.24
CA ARG H 46 34.61 16.20 3.56
C ARG H 46 34.42 16.05 2.06
N ILE H 47 34.57 17.17 1.35
CA ILE H 47 34.29 17.25 -0.07
C ILE H 47 35.54 17.74 -0.80
N SER H 48 35.91 17.03 -1.86
CA SER H 48 36.95 17.53 -2.74
C SER H 48 36.38 18.61 -3.65
N GLY H 49 37.23 19.54 -4.07
CA GLY H 49 36.81 20.59 -4.97
C GLY H 49 36.39 20.10 -6.35
N LEU H 50 36.70 18.85 -6.68
CA LEU H 50 36.32 18.26 -7.95
C LEU H 50 34.88 17.78 -7.97
N ILE H 51 34.24 17.65 -6.81
CA ILE H 51 32.91 17.07 -6.73
C ILE H 51 31.90 17.95 -7.46
N TYR H 52 32.05 19.27 -7.34
CA TYR H 52 31.05 20.20 -7.86
C TYR H 52 30.84 20.01 -9.35
N GLU H 53 31.92 19.76 -10.10
CA GLU H 53 31.78 19.62 -11.54
C GLU H 53 30.95 18.40 -11.90
N GLU H 54 31.26 17.26 -11.30
CA GLU H 54 30.51 16.05 -11.61
C GLU H 54 29.07 16.15 -11.13
N THR H 55 28.84 16.78 -9.98
CA THR H 55 27.47 16.98 -9.53
C THR H 55 26.70 17.86 -10.50
N ARG H 56 27.33 18.91 -11.00
CA ARG H 56 26.69 19.75 -12.00
C ARG H 56 26.36 18.93 -13.24
N GLY H 57 27.30 18.09 -13.67
CA GLY H 57 27.06 17.28 -14.86
C GLY H 57 25.91 16.32 -14.70
N VAL H 58 25.86 15.61 -13.57
CA VAL H 58 24.81 14.60 -13.39
C VAL H 58 23.46 15.27 -13.18
N LEU H 59 23.43 16.38 -12.44
CA LEU H 59 22.21 17.16 -12.35
C LEU H 59 21.75 17.57 -13.74
N LYS H 60 22.68 18.06 -14.55
CA LYS H 60 22.35 18.46 -15.91
C LYS H 60 21.73 17.30 -16.68
N VAL H 61 22.38 16.14 -16.65
CA VAL H 61 21.92 15.04 -17.51
C VAL H 61 20.55 14.54 -17.06
N PHE H 62 20.34 14.37 -15.76
CA PHE H 62 19.06 13.82 -15.33
C PHE H 62 17.95 14.85 -15.51
N LEU H 63 18.25 16.13 -15.28
CA LEU H 63 17.25 17.17 -15.46
C LEU H 63 16.92 17.36 -16.93
N GLU H 64 17.90 17.16 -17.82
CA GLU H 64 17.61 17.12 -19.24
C GLU H 64 16.70 15.94 -19.56
N ASN H 65 16.94 14.79 -18.93
CA ASN H 65 16.05 13.65 -19.13
C ASN H 65 14.62 14.02 -18.76
N VAL H 66 14.43 14.62 -17.59
CA VAL H 66 13.09 14.89 -17.11
C VAL H 66 12.42 15.97 -17.95
N ILE H 67 13.17 16.99 -18.39
CA ILE H 67 12.54 17.98 -19.24
C ILE H 67 12.27 17.43 -20.63
N ARG H 68 13.05 16.45 -21.10
CA ARG H 68 12.69 15.78 -22.34
C ARG H 68 11.36 15.07 -22.19
N ASP H 69 11.18 14.38 -21.06
CA ASP H 69 9.89 13.78 -20.75
C ASP H 69 8.79 14.83 -20.77
N ALA H 70 9.03 15.96 -20.12
CA ALA H 70 8.01 17.01 -20.02
C ALA H 70 7.69 17.61 -21.38
N VAL H 71 8.71 17.83 -22.21
CA VAL H 71 8.51 18.38 -23.54
C VAL H 71 7.66 17.43 -24.38
N THR H 72 7.98 16.14 -24.33
CA THR H 72 7.17 15.15 -25.05
C THR H 72 5.74 15.17 -24.57
N TYR H 73 5.55 15.15 -23.25
CA TYR H 73 4.20 15.11 -22.69
C TYR H 73 3.39 16.33 -23.09
N THR H 74 3.99 17.51 -23.01
CA THR H 74 3.27 18.73 -23.37
C THR H 74 2.99 18.78 -24.85
N GLU H 75 3.95 18.35 -25.68
CA GLU H 75 3.72 18.30 -27.12
C GLU H 75 2.55 17.39 -27.44
N HIS H 76 2.37 16.33 -26.67
CA HIS H 76 1.19 15.49 -26.84
C HIS H 76 0.03 15.91 -25.96
N ALA H 77 0.18 16.93 -25.14
CA ALA H 77 -0.87 17.32 -24.20
C ALA H 77 -1.88 18.28 -24.82
N LYS H 78 -1.81 18.50 -26.14
CA LYS H 78 -2.56 19.58 -26.77
C LYS H 78 -2.23 20.91 -26.11
N ARG H 79 -1.01 21.01 -25.56
CA ARG H 79 -0.58 22.13 -24.76
C ARG H 79 0.79 22.60 -25.21
N LYS H 80 1.06 23.86 -24.94
CA LYS H 80 2.37 24.47 -25.12
C LYS H 80 2.84 25.04 -23.80
N THR H 81 2.57 24.30 -22.72
CA THR H 81 2.82 24.78 -21.37
C THR H 81 3.16 23.58 -20.53
N VAL H 82 4.43 23.46 -20.12
CA VAL H 82 4.80 22.43 -19.18
C VAL H 82 4.21 22.75 -17.81
N THR H 83 3.59 21.75 -17.19
CA THR H 83 2.81 21.96 -15.99
C THR H 83 3.27 21.00 -14.90
N ALA H 84 2.63 21.12 -13.73
CA ALA H 84 3.06 20.35 -12.57
C ALA H 84 2.87 18.86 -12.78
N MET H 85 1.68 18.45 -13.23
CA MET H 85 1.46 17.03 -13.46
C MET H 85 2.31 16.50 -14.60
N ASP H 86 2.77 17.37 -15.51
CA ASP H 86 3.78 16.95 -16.47
C ASP H 86 5.07 16.55 -15.75
N VAL H 87 5.48 17.35 -14.76
CA VAL H 87 6.65 17.00 -13.96
C VAL H 87 6.40 15.70 -13.22
N VAL H 88 5.17 15.51 -12.74
CA VAL H 88 4.81 14.27 -12.06
C VAL H 88 4.98 13.09 -13.01
N TYR H 89 4.51 13.24 -14.25
CA TYR H 89 4.64 12.18 -15.24
C TYR H 89 6.10 11.88 -15.52
N ALA H 90 6.92 12.92 -15.67
CA ALA H 90 8.34 12.72 -15.91
C ALA H 90 8.98 11.96 -14.75
N LEU H 91 8.63 12.33 -13.52
CA LEU H 91 9.19 11.67 -12.36
C LEU H 91 8.79 10.20 -12.32
N LYS H 92 7.50 9.91 -12.44
CA LYS H 92 7.03 8.52 -12.39
C LYS H 92 7.58 7.71 -13.55
N ARG H 93 7.94 8.35 -14.66
CA ARG H 93 8.61 7.61 -15.73
C ARG H 93 10.03 7.23 -15.33
N GLN H 94 10.72 8.11 -14.61
CA GLN H 94 12.10 7.88 -14.23
C GLN H 94 12.24 7.17 -12.90
N GLY H 95 11.23 6.42 -12.48
CA GLY H 95 11.27 5.75 -11.20
C GLY H 95 11.30 6.67 -9.99
N ARG H 96 10.44 7.70 -9.99
CA ARG H 96 10.39 8.70 -8.93
C ARG H 96 8.95 8.87 -8.44
N THR H 97 8.29 7.75 -8.12
CA THR H 97 6.90 7.79 -7.69
C THR H 97 6.78 8.43 -6.30
N LEU H 98 5.76 9.27 -6.13
CA LEU H 98 5.53 9.95 -4.86
C LEU H 98 4.13 10.55 -4.85
N TYR H 99 3.65 10.89 -3.65
CA TYR H 99 2.38 11.56 -3.45
C TYR H 99 2.53 13.08 -3.63
N GLY H 100 1.43 13.78 -3.36
CA GLY H 100 1.47 15.22 -3.15
C GLY H 100 0.89 16.08 -4.25
N PHE H 101 1.21 15.77 -5.51
CA PHE H 101 0.87 16.61 -6.64
C PHE H 101 -0.22 16.02 -7.51
N GLY H 102 -1.05 15.15 -6.96
CA GLY H 102 -2.14 14.53 -7.69
C GLY H 102 -1.82 13.10 -8.07
N GLY H 103 -2.66 12.57 -8.96
CA GLY H 103 -2.51 11.22 -9.44
C GLY H 103 -3.77 10.39 -9.33
N THR I 52 -6.73 -10.15 -45.73
CA THR I 52 -5.29 -9.92 -45.72
C THR I 52 -4.97 -8.46 -45.41
N ARG I 53 -5.34 -8.02 -44.21
CA ARG I 53 -5.05 -6.65 -43.81
C ARG I 53 -3.55 -6.38 -43.76
N SER I 54 -2.76 -7.38 -43.37
CA SER I 54 -1.32 -7.20 -43.24
C SER I 54 -0.68 -6.87 -44.59
N SER I 55 -1.06 -7.59 -45.65
CA SER I 55 -0.54 -7.29 -46.98
C SER I 55 -0.95 -5.88 -47.41
N ARG I 56 -2.18 -5.49 -47.09
CA ARG I 56 -2.65 -4.17 -47.46
C ARG I 56 -1.88 -3.07 -46.73
N ALA I 57 -1.48 -3.33 -45.49
CA ALA I 57 -0.67 -2.39 -44.74
C ALA I 57 0.82 -2.49 -45.06
N GLY I 58 1.25 -3.54 -45.75
CA GLY I 58 2.65 -3.69 -46.09
C GLY I 58 3.56 -4.05 -44.94
N LEU I 59 3.14 -5.04 -44.14
CA LEU I 59 3.96 -5.56 -43.05
C LEU I 59 3.79 -7.08 -43.02
N GLN I 60 4.23 -7.69 -41.93
CA GLN I 60 4.14 -9.13 -41.72
C GLN I 60 3.23 -9.52 -40.56
N PHE I 61 3.42 -8.89 -39.41
CA PHE I 61 2.65 -9.27 -38.24
C PHE I 61 1.17 -9.00 -38.48
N PRO I 62 0.28 -9.88 -37.99
CA PRO I 62 -1.14 -9.79 -38.34
C PRO I 62 -1.79 -8.58 -37.70
N VAL I 63 -2.23 -7.63 -38.53
CA VAL I 63 -2.89 -6.43 -38.02
C VAL I 63 -4.21 -6.80 -37.35
N GLY I 64 -4.94 -7.76 -37.93
CA GLY I 64 -6.16 -8.21 -37.28
C GLY I 64 -5.90 -8.80 -35.91
N ARG I 65 -4.90 -9.67 -35.81
CA ARG I 65 -4.59 -10.28 -34.52
C ARG I 65 -4.05 -9.26 -33.54
N VAL I 66 -3.21 -8.32 -34.01
CA VAL I 66 -2.66 -7.34 -33.09
C VAL I 66 -3.75 -6.41 -32.59
N HIS I 67 -4.70 -6.07 -33.44
CA HIS I 67 -5.85 -5.29 -32.98
C HIS I 67 -6.69 -6.10 -32.00
N ARG I 68 -6.81 -7.40 -32.24
CA ARG I 68 -7.47 -8.27 -31.28
C ARG I 68 -6.80 -8.16 -29.92
N LEU I 69 -5.48 -8.32 -29.88
CA LEU I 69 -4.76 -8.25 -28.61
C LEU I 69 -4.87 -6.87 -27.98
N LEU I 70 -4.93 -5.83 -28.81
CA LEU I 70 -5.18 -4.48 -28.30
C LEU I 70 -6.48 -4.41 -27.53
N ARG I 71 -7.60 -4.68 -28.20
CA ARG I 71 -8.88 -4.42 -27.54
C ARG I 71 -9.24 -5.49 -26.52
N LYS I 72 -8.67 -6.69 -26.59
CA LYS I 72 -8.82 -7.63 -25.49
C LYS I 72 -7.87 -7.31 -24.35
N GLY I 73 -6.90 -6.43 -24.58
CA GLY I 73 -6.20 -5.80 -23.48
C GLY I 73 -7.07 -4.85 -22.67
N ASN I 74 -8.27 -4.56 -23.17
CA ASN I 74 -9.30 -3.85 -22.42
C ASN I 74 -8.81 -2.49 -21.95
N TYR I 75 -8.05 -1.81 -22.81
CA TYR I 75 -7.42 -0.56 -22.41
C TYR I 75 -8.42 0.58 -22.35
N ALA I 76 -9.31 0.66 -23.34
CA ALA I 76 -10.39 1.64 -23.36
C ALA I 76 -11.44 1.15 -24.36
N GLU I 77 -12.43 1.99 -24.64
CA GLU I 77 -13.57 1.56 -25.43
C GLU I 77 -13.29 1.62 -26.93
N ARG I 78 -13.07 2.83 -27.47
CA ARG I 78 -12.85 3.00 -28.89
C ARG I 78 -11.37 3.22 -29.17
N VAL I 79 -10.95 2.82 -30.36
CA VAL I 79 -9.54 2.77 -30.73
C VAL I 79 -9.35 3.31 -32.15
N GLY I 80 -8.41 4.22 -32.30
CA GLY I 80 -8.02 4.66 -33.63
C GLY I 80 -7.42 3.51 -34.44
N ALA I 81 -7.80 3.43 -35.71
CA ALA I 81 -7.40 2.31 -36.54
C ALA I 81 -5.91 2.33 -36.87
N GLY I 82 -5.25 3.47 -36.72
CA GLY I 82 -3.84 3.52 -36.98
C GLY I 82 -2.98 2.83 -35.94
N ALA I 83 -3.52 2.64 -34.74
CA ALA I 83 -2.73 2.04 -33.66
C ALA I 83 -2.28 0.62 -33.97
N PRO I 84 -3.15 -0.32 -34.37
CA PRO I 84 -2.65 -1.68 -34.63
C PRO I 84 -1.61 -1.73 -35.73
N VAL I 85 -1.80 -0.96 -36.80
CA VAL I 85 -0.86 -0.97 -37.90
C VAL I 85 0.47 -0.39 -37.46
N TYR I 86 0.44 0.73 -36.73
CA TYR I 86 1.66 1.37 -36.25
C TYR I 86 2.43 0.44 -35.31
N LEU I 87 1.71 -0.19 -34.39
CA LEU I 87 2.35 -1.13 -33.46
C LEU I 87 2.96 -2.30 -34.21
N ALA I 88 2.21 -2.89 -35.15
CA ALA I 88 2.77 -3.95 -35.96
C ALA I 88 4.07 -3.50 -36.60
N ALA I 89 4.05 -2.32 -37.24
CA ALA I 89 5.22 -1.84 -37.98
C ALA I 89 6.43 -1.68 -37.08
N VAL I 90 6.24 -1.06 -35.91
CA VAL I 90 7.38 -0.87 -35.02
C VAL I 90 7.90 -2.21 -34.55
N LEU I 91 7.01 -3.20 -34.38
CA LEU I 91 7.48 -4.52 -34.00
C LEU I 91 8.29 -5.19 -35.10
N GLU I 92 7.86 -5.09 -36.37
CA GLU I 92 8.70 -5.70 -37.41
C GLU I 92 10.05 -5.01 -37.46
N TYR I 93 10.07 -3.68 -37.28
CA TYR I 93 11.34 -2.97 -37.23
C TYR I 93 12.25 -3.51 -36.14
N LEU I 94 11.74 -3.61 -34.92
CA LEU I 94 12.61 -4.00 -33.81
C LEU I 94 13.06 -5.45 -33.94
N THR I 95 12.14 -6.36 -34.32
CA THR I 95 12.55 -7.75 -34.50
C THR I 95 13.53 -7.89 -35.66
N ALA I 96 13.36 -7.10 -36.72
CA ALA I 96 14.30 -7.16 -37.83
C ALA I 96 15.68 -6.70 -37.39
N GLU I 97 15.76 -5.62 -36.62
CA GLU I 97 17.05 -5.13 -36.16
C GLU I 97 17.75 -6.14 -35.27
N ILE I 98 17.03 -6.64 -34.27
CA ILE I 98 17.64 -7.60 -33.35
C ILE I 98 18.01 -8.89 -34.09
N LEU I 99 17.20 -9.28 -35.07
CA LEU I 99 17.46 -10.52 -35.79
C LEU I 99 18.67 -10.38 -36.72
N GLU I 100 18.83 -9.22 -37.35
CA GLU I 100 20.03 -8.99 -38.16
C GLU I 100 21.27 -9.02 -37.29
N LEU I 101 21.23 -8.36 -36.14
CA LEU I 101 22.38 -8.40 -35.23
C LEU I 101 22.68 -9.83 -34.81
N ALA I 102 21.64 -10.59 -34.48
CA ALA I 102 21.82 -11.98 -34.07
C ALA I 102 22.42 -12.82 -35.19
N GLY I 103 21.95 -12.62 -36.42
CA GLY I 103 22.50 -13.38 -37.54
C GLY I 103 23.96 -13.07 -37.76
N ASN I 104 24.33 -11.80 -37.68
CA ASN I 104 25.74 -11.44 -37.80
C ASN I 104 26.56 -12.09 -36.69
N ALA I 105 26.07 -12.05 -35.46
CA ALA I 105 26.82 -12.66 -34.36
C ALA I 105 26.94 -14.17 -34.55
N ALA I 106 25.86 -14.82 -34.99
CA ALA I 106 25.88 -16.26 -35.17
C ALA I 106 26.87 -16.66 -36.25
N ARG I 107 26.79 -16.02 -37.42
CA ARG I 107 27.68 -16.36 -38.51
C ARG I 107 29.12 -16.04 -38.17
N ASP I 108 29.36 -14.94 -37.44
CA ASP I 108 30.70 -14.66 -36.94
C ASP I 108 31.16 -15.75 -35.98
N ASN I 109 30.24 -16.23 -35.14
CA ASN I 109 30.53 -17.35 -34.25
C ASN I 109 30.66 -18.67 -34.99
N LYS I 110 30.54 -18.66 -36.32
CA LYS I 110 30.46 -19.87 -37.13
C LYS I 110 29.35 -20.77 -36.55
N LYS I 111 28.14 -20.25 -36.60
CA LYS I 111 26.97 -20.94 -36.09
C LYS I 111 25.80 -20.55 -36.99
N THR I 112 25.33 -21.49 -37.81
CA THR I 112 24.20 -21.19 -38.68
C THR I 112 22.96 -20.89 -37.85
N ARG I 113 22.75 -21.63 -36.77
CA ARG I 113 21.58 -21.44 -35.94
C ARG I 113 21.76 -20.24 -35.01
N ILE I 114 20.66 -19.52 -34.76
CA ILE I 114 20.68 -18.46 -33.78
C ILE I 114 20.59 -19.05 -32.39
N ILE I 115 21.38 -18.52 -31.48
CA ILE I 115 21.40 -19.02 -30.11
C ILE I 115 21.25 -17.82 -29.19
N PRO I 116 20.65 -17.97 -28.01
CA PRO I 116 20.63 -16.84 -27.06
C PRO I 116 21.99 -16.39 -26.61
N ARG I 117 23.04 -17.20 -26.78
CA ARG I 117 24.39 -16.65 -26.65
C ARG I 117 24.60 -15.55 -27.68
N HIS I 118 24.18 -15.79 -28.92
CA HIS I 118 24.24 -14.74 -29.93
C HIS I 118 23.39 -13.54 -29.52
N LEU I 119 22.19 -13.80 -29.00
CA LEU I 119 21.30 -12.71 -28.63
C LEU I 119 21.90 -11.87 -27.51
N GLN I 120 22.48 -12.52 -26.51
CA GLN I 120 23.10 -11.77 -25.44
C GLN I 120 24.34 -11.04 -25.92
N LEU I 121 25.09 -11.63 -26.84
CA LEU I 121 26.19 -10.90 -27.45
C LEU I 121 25.70 -9.62 -28.09
N ALA I 122 24.63 -9.74 -28.88
CA ALA I 122 24.09 -8.57 -29.58
C ALA I 122 23.62 -7.52 -28.59
N VAL I 123 22.92 -7.94 -27.54
CA VAL I 123 22.39 -6.95 -26.61
C VAL I 123 23.52 -6.30 -25.82
N ARG I 124 24.50 -7.08 -25.40
CA ARG I 124 25.53 -6.57 -24.51
C ARG I 124 26.53 -5.70 -25.24
N ASN I 125 26.82 -6.00 -26.50
CA ASN I 125 27.71 -5.12 -27.26
C ASN I 125 27.10 -3.74 -27.42
N ASP I 126 25.79 -3.67 -27.70
CA ASP I 126 25.13 -2.40 -27.91
C ASP I 126 24.66 -1.84 -26.57
N GLU I 127 25.23 -0.72 -26.17
CA GLU I 127 24.85 -0.08 -24.91
C GLU I 127 23.40 0.38 -24.93
N GLU I 128 22.93 0.91 -26.06
CA GLU I 128 21.53 1.31 -26.15
C GLU I 128 20.60 0.11 -26.07
N LEU I 129 20.95 -0.98 -26.75
CA LEU I 129 20.13 -2.17 -26.66
C LEU I 129 20.18 -2.77 -25.26
N ASN I 130 21.29 -2.55 -24.56
CA ASN I 130 21.33 -2.83 -23.12
C ASN I 130 20.32 -1.96 -22.38
N LYS I 131 20.25 -0.68 -22.73
CA LYS I 131 19.31 0.22 -22.07
C LYS I 131 17.88 -0.27 -22.27
N LEU I 132 17.57 -0.78 -23.46
CA LEU I 132 16.25 -1.36 -23.68
C LEU I 132 15.96 -2.46 -22.66
N LEU I 133 16.89 -3.40 -22.50
CA LEU I 133 16.75 -4.45 -21.51
C LEU I 133 17.46 -4.11 -20.21
N GLY I 134 17.11 -2.98 -19.61
CA GLY I 134 17.76 -2.54 -18.39
C GLY I 134 17.41 -3.44 -17.22
N ARG I 135 16.16 -3.41 -16.81
CA ARG I 135 15.66 -4.34 -15.82
C ARG I 135 15.21 -5.65 -16.44
N VAL I 136 15.63 -5.89 -17.69
CA VAL I 136 15.27 -7.09 -18.43
C VAL I 136 16.54 -7.88 -18.65
N THR I 137 16.52 -9.15 -18.25
CA THR I 137 17.66 -10.03 -18.41
C THR I 137 17.34 -11.14 -19.39
N ILE I 138 18.40 -11.78 -19.90
CA ILE I 138 18.29 -12.75 -20.99
C ILE I 138 18.32 -14.17 -20.44
N ALA I 139 17.56 -15.06 -21.07
CA ALA I 139 17.48 -16.45 -20.65
C ALA I 139 18.69 -17.21 -21.14
N GLN I 140 19.50 -17.67 -20.18
CA GLN I 140 20.74 -18.43 -20.37
C GLN I 140 21.65 -17.76 -21.41
N GLY I 141 21.50 -16.45 -21.59
CA GLY I 141 22.42 -15.74 -22.46
C GLY I 141 23.84 -15.80 -21.94
N GLY I 142 24.03 -15.55 -20.66
CA GLY I 142 25.36 -15.55 -20.07
C GLY I 142 26.02 -14.19 -20.12
N VAL I 143 27.15 -14.10 -19.44
CA VAL I 143 27.90 -12.86 -19.32
C VAL I 143 29.04 -12.87 -20.31
N LEU I 144 29.34 -11.69 -20.85
CA LEU I 144 30.53 -11.56 -21.67
C LEU I 144 31.77 -11.70 -20.78
N PRO I 145 32.90 -12.06 -21.35
CA PRO I 145 34.12 -12.07 -20.56
C PRO I 145 34.52 -10.65 -20.22
N ASN I 146 34.26 -10.26 -18.97
CA ASN I 146 34.47 -8.90 -18.48
C ASN I 146 35.24 -9.01 -17.18
N ILE I 147 36.56 -9.14 -17.30
CA ILE I 147 37.43 -9.34 -16.16
C ILE I 147 37.97 -7.98 -15.72
N GLN I 148 38.10 -7.80 -14.41
CA GLN I 148 38.66 -6.57 -13.90
C GLN I 148 40.14 -6.48 -14.22
N SER I 149 40.64 -5.24 -14.36
CA SER I 149 41.99 -5.02 -14.84
C SER I 149 43.03 -5.57 -13.88
N VAL I 150 42.89 -5.27 -12.59
CA VAL I 150 43.90 -5.67 -11.61
C VAL I 150 43.96 -7.19 -11.49
N LEU I 151 42.81 -7.86 -11.61
CA LEU I 151 42.79 -9.31 -11.49
C LEU I 151 43.58 -10.00 -12.60
N LEU I 152 43.85 -9.30 -13.70
CA LEU I 152 44.58 -9.90 -14.80
C LEU I 152 46.01 -10.23 -14.40
N PRO I 153 46.59 -11.27 -14.98
CA PRO I 153 47.98 -11.60 -14.68
C PRO I 153 48.93 -10.55 -15.23
N LYS I 154 50.06 -10.39 -14.55
CA LYS I 154 51.04 -9.40 -14.94
C LYS I 154 51.88 -9.90 -16.11
N LYS J 29 -6.57 -29.88 -27.66
CA LYS J 29 -6.49 -29.22 -26.36
C LYS J 29 -6.54 -27.71 -26.51
N THR J 30 -5.39 -27.07 -26.37
CA THR J 30 -5.28 -25.62 -26.48
C THR J 30 -4.40 -25.25 -27.67
N ARG J 31 -4.78 -24.16 -28.35
CA ARG J 31 -4.00 -23.60 -29.44
C ARG J 31 -3.27 -22.36 -28.91
N LYS J 32 -2.22 -22.61 -28.13
CA LYS J 32 -1.50 -21.53 -27.47
C LYS J 32 -0.95 -20.54 -28.50
N GLU J 33 -1.05 -19.26 -28.18
CA GLU J 33 -0.59 -18.20 -29.07
C GLU J 33 0.90 -18.35 -29.34
N SER J 34 1.30 -17.94 -30.54
CA SER J 34 2.69 -17.97 -30.94
C SER J 34 2.89 -16.98 -32.07
N TYR J 35 4.14 -16.56 -32.25
CA TYR J 35 4.52 -15.71 -33.38
C TYR J 35 5.58 -16.39 -34.22
N ALA J 36 5.62 -17.72 -34.19
CA ALA J 36 6.71 -18.46 -34.81
C ALA J 36 6.78 -18.19 -36.31
N ILE J 37 5.64 -18.19 -36.99
CA ILE J 37 5.63 -17.96 -38.42
C ILE J 37 6.16 -16.56 -38.74
N TYR J 38 5.67 -15.55 -38.02
CA TYR J 38 6.05 -14.18 -38.32
C TYR J 38 7.53 -13.93 -38.02
N VAL J 39 8.02 -14.42 -36.89
CA VAL J 39 9.43 -14.23 -36.57
C VAL J 39 10.29 -15.03 -37.54
N TYR J 40 9.83 -16.20 -37.97
CA TYR J 40 10.58 -17.00 -38.92
C TYR J 40 10.71 -16.27 -40.25
N LYS J 41 9.64 -15.63 -40.71
CA LYS J 41 9.74 -14.89 -41.96
C LYS J 41 10.57 -13.62 -41.79
N VAL J 42 10.51 -12.99 -40.62
CA VAL J 42 11.42 -11.86 -40.37
C VAL J 42 12.86 -12.31 -40.46
N LEU J 43 13.17 -13.47 -39.87
CA LEU J 43 14.50 -14.06 -40.01
C LEU J 43 14.85 -14.27 -41.47
N LYS J 44 13.97 -14.93 -42.22
CA LYS J 44 14.23 -15.21 -43.63
C LYS J 44 14.44 -13.94 -44.42
N GLN J 45 13.92 -12.81 -43.94
CA GLN J 45 14.20 -11.53 -44.56
C GLN J 45 15.58 -11.02 -44.18
N VAL J 46 15.81 -10.77 -42.89
CA VAL J 46 17.02 -10.09 -42.45
C VAL J 46 18.25 -10.95 -42.78
N HIS J 47 18.16 -12.25 -42.51
CA HIS J 47 19.24 -13.19 -42.81
C HIS J 47 18.60 -14.35 -43.55
N PRO J 48 18.74 -14.39 -44.88
CA PRO J 48 17.90 -15.28 -45.69
C PRO J 48 18.01 -16.75 -45.31
N ASP J 49 19.16 -17.20 -44.83
CA ASP J 49 19.34 -18.60 -44.46
C ASP J 49 20.03 -18.63 -43.10
N THR J 50 19.25 -18.91 -42.05
CA THR J 50 19.77 -18.93 -40.69
C THR J 50 18.92 -19.88 -39.86
N GLY J 51 19.58 -20.72 -39.07
CA GLY J 51 18.90 -21.70 -38.25
C GLY J 51 18.28 -21.08 -37.01
N ILE J 52 17.54 -21.91 -36.28
CA ILE J 52 16.72 -21.48 -35.17
C ILE J 52 16.95 -22.42 -33.98
N SER J 53 16.55 -21.96 -32.80
CA SER J 53 16.43 -22.81 -31.62
C SER J 53 15.08 -22.52 -30.98
N SER J 54 14.44 -23.56 -30.46
CA SER J 54 13.09 -23.41 -29.92
C SER J 54 13.06 -22.36 -28.81
N LYS J 55 14.07 -22.39 -27.94
CA LYS J 55 14.19 -21.36 -26.93
C LYS J 55 14.36 -19.98 -27.54
N ALA J 56 14.98 -19.88 -28.71
CA ALA J 56 15.10 -18.56 -29.35
C ALA J 56 13.72 -18.02 -29.72
N MET J 57 12.87 -18.84 -30.33
CA MET J 57 11.55 -18.34 -30.68
C MET J 57 10.69 -18.12 -29.45
N SER J 58 10.90 -18.90 -28.40
CA SER J 58 10.19 -18.60 -27.15
C SER J 58 10.62 -17.25 -26.61
N ILE J 59 11.91 -16.95 -26.67
CA ILE J 59 12.41 -15.64 -26.31
C ILE J 59 11.73 -14.56 -27.13
N MET J 60 11.61 -14.81 -28.44
CA MET J 60 10.99 -13.83 -29.32
C MET J 60 9.52 -13.60 -28.96
N ASN J 61 8.77 -14.67 -28.71
CA ASN J 61 7.37 -14.55 -28.35
C ASN J 61 7.22 -13.74 -27.07
N SER J 62 7.99 -14.10 -26.04
CA SER J 62 7.94 -13.35 -24.80
C SER J 62 8.36 -11.90 -24.99
N PHE J 63 9.35 -11.66 -25.84
CA PHE J 63 9.80 -10.30 -26.07
C PHE J 63 8.72 -9.46 -26.72
N VAL J 64 8.05 -10.01 -27.74
CA VAL J 64 6.98 -9.29 -28.40
C VAL J 64 5.86 -9.00 -27.42
N ASN J 65 5.53 -9.99 -26.57
CA ASN J 65 4.52 -9.75 -25.55
C ASN J 65 4.92 -8.59 -24.65
N ASP J 66 6.19 -8.56 -24.24
CA ASP J 66 6.64 -7.48 -23.36
C ASP J 66 6.56 -6.13 -24.05
N VAL J 67 6.96 -6.08 -25.33
CA VAL J 67 6.86 -4.83 -26.07
C VAL J 67 5.43 -4.34 -26.08
N PHE J 68 4.50 -5.24 -26.40
CA PHE J 68 3.09 -4.88 -26.39
C PHE J 68 2.68 -4.35 -25.03
N GLU J 69 3.05 -5.06 -23.97
CA GLU J 69 2.64 -4.68 -22.62
C GLU J 69 3.09 -3.26 -22.30
N ARG J 70 4.38 -3.00 -22.46
CA ARG J 70 4.90 -1.70 -22.04
C ARG J 70 4.38 -0.58 -22.93
N ILE J 71 4.38 -0.79 -24.24
CA ILE J 71 3.91 0.26 -25.15
C ILE J 71 2.45 0.56 -24.87
N ALA J 72 1.63 -0.47 -24.72
CA ALA J 72 0.20 -0.26 -24.50
C ALA J 72 -0.06 0.43 -23.17
N GLY J 73 0.67 0.04 -22.12
CA GLY J 73 0.48 0.69 -20.84
C GLY J 73 0.83 2.17 -20.89
N GLU J 74 1.97 2.49 -21.48
CA GLU J 74 2.34 3.89 -21.61
C GLU J 74 1.33 4.64 -22.47
N ALA J 75 0.88 4.03 -23.56
CA ALA J 75 -0.07 4.69 -24.45
C ALA J 75 -1.37 4.99 -23.73
N SER J 76 -1.87 4.03 -22.94
CA SER J 76 -3.11 4.26 -22.22
C SER J 76 -2.94 5.33 -21.15
N ARG J 77 -1.84 5.29 -20.41
CA ARG J 77 -1.66 6.29 -19.37
C ARG J 77 -1.55 7.69 -19.97
N LEU J 78 -0.84 7.82 -21.11
CA LEU J 78 -0.82 9.09 -21.83
C LEU J 78 -2.22 9.49 -22.29
N ALA J 79 -2.96 8.55 -22.87
CA ALA J 79 -4.29 8.87 -23.39
C ALA J 79 -5.21 9.36 -22.28
N HIS J 80 -4.99 8.89 -21.06
CA HIS J 80 -5.82 9.36 -19.96
C HIS J 80 -5.24 10.60 -19.27
N TYR J 81 -3.94 10.88 -19.46
CA TYR J 81 -3.38 12.12 -18.95
C TYR J 81 -3.98 13.32 -19.65
N ASN J 82 -4.27 13.19 -20.94
CA ASN J 82 -4.92 14.23 -21.71
C ASN J 82 -6.39 13.94 -21.94
N LYS J 83 -6.95 13.02 -21.15
CA LYS J 83 -8.39 12.86 -21.00
C LYS J 83 -9.05 12.46 -22.33
N ARG J 84 -8.67 11.28 -22.82
CA ARG J 84 -9.25 10.73 -24.03
C ARG J 84 -9.27 9.22 -23.91
N SER J 85 -10.38 8.61 -24.33
CA SER J 85 -10.56 7.17 -24.26
C SER J 85 -10.44 6.49 -25.62
N THR J 86 -9.93 7.19 -26.63
CA THR J 86 -9.77 6.63 -27.96
C THR J 86 -8.28 6.32 -28.17
N ILE J 87 -7.98 5.08 -28.53
CA ILE J 87 -6.58 4.68 -28.65
C ILE J 87 -6.09 5.05 -30.04
N THR J 88 -5.65 6.29 -30.20
CA THR J 88 -5.24 6.79 -31.50
C THR J 88 -3.74 6.55 -31.71
N SER J 89 -3.32 6.70 -32.96
CA SER J 89 -1.91 6.62 -33.26
C SER J 89 -1.14 7.74 -32.58
N ARG J 90 -1.83 8.81 -32.18
CA ARG J 90 -1.14 9.95 -31.59
C ARG J 90 -0.49 9.58 -30.26
N GLU J 91 -1.23 8.94 -29.37
CA GLU J 91 -0.62 8.60 -28.09
C GLU J 91 0.39 7.48 -28.20
N ILE J 92 0.19 6.54 -29.12
CA ILE J 92 1.20 5.48 -29.25
C ILE J 92 2.50 6.07 -29.80
N GLN J 93 2.40 7.01 -30.74
CA GLN J 93 3.62 7.62 -31.25
C GLN J 93 4.30 8.47 -30.18
N THR J 94 3.52 9.21 -29.38
CA THR J 94 4.16 9.99 -28.32
C THR J 94 4.80 9.08 -27.29
N ALA J 95 4.19 7.94 -27.00
CA ALA J 95 4.77 7.00 -26.06
C ALA J 95 6.07 6.41 -26.61
N VAL J 96 6.08 6.06 -27.89
CA VAL J 96 7.29 5.44 -28.43
C VAL J 96 8.41 6.46 -28.53
N ARG J 97 8.10 7.73 -28.76
CA ARG J 97 9.18 8.71 -28.68
C ARG J 97 9.60 9.00 -27.24
N LEU J 98 8.70 8.77 -26.28
CA LEU J 98 9.12 8.77 -24.88
C LEU J 98 10.10 7.63 -24.59
N LEU J 99 9.86 6.46 -25.18
CA LEU J 99 10.54 5.24 -24.78
C LEU J 99 11.77 4.94 -25.63
N LEU J 100 11.58 4.77 -26.94
CA LEU J 100 12.65 4.28 -27.80
C LEU J 100 13.76 5.33 -27.94
N PRO J 101 15.01 4.88 -28.07
CA PRO J 101 16.09 5.82 -28.37
C PRO J 101 15.91 6.45 -29.74
N GLY J 102 16.41 7.66 -29.89
CA GLY J 102 16.18 8.50 -31.05
C GLY J 102 16.19 7.80 -32.40
N GLU J 103 17.25 7.04 -32.68
CA GLU J 103 17.32 6.30 -33.93
C GLU J 103 16.17 5.31 -34.05
N LEU J 104 16.01 4.47 -33.03
CA LEU J 104 14.96 3.46 -33.05
C LEU J 104 13.59 4.11 -33.11
N ALA J 105 13.40 5.19 -32.35
CA ALA J 105 12.11 5.85 -32.29
C ALA J 105 11.73 6.46 -33.63
N LYS J 106 12.66 7.20 -34.25
CA LYS J 106 12.32 7.85 -35.51
C LYS J 106 12.11 6.81 -36.59
N HIS J 107 12.92 5.75 -36.60
CA HIS J 107 12.72 4.71 -37.60
C HIS J 107 11.39 4.01 -37.40
N ALA J 108 11.01 3.77 -36.14
CA ALA J 108 9.75 3.13 -35.84
C ALA J 108 8.58 3.99 -36.27
N VAL J 109 8.64 5.30 -36.00
CA VAL J 109 7.52 6.16 -36.37
C VAL J 109 7.41 6.28 -37.88
N SER J 110 8.56 6.34 -38.58
CA SER J 110 8.52 6.36 -40.03
C SER J 110 7.91 5.06 -40.57
N GLU J 111 8.28 3.92 -39.98
CA GLU J 111 7.70 2.66 -40.38
C GLU J 111 6.19 2.65 -40.17
N GLY J 112 5.74 3.17 -39.02
CA GLY J 112 4.31 3.23 -38.77
C GLY J 112 3.59 4.08 -39.79
N THR J 113 4.15 5.24 -40.11
CA THR J 113 3.53 6.10 -41.12
C THR J 113 3.45 5.39 -42.46
N LYS J 114 4.55 4.74 -42.86
CA LYS J 114 4.53 3.98 -44.12
C LYS J 114 3.42 2.95 -44.12
N ALA J 115 3.35 2.14 -43.07
CA ALA J 115 2.41 1.04 -43.04
C ALA J 115 0.97 1.53 -43.04
N VAL J 116 0.68 2.57 -42.25
CA VAL J 116 -0.68 3.07 -42.20
C VAL J 116 -1.08 3.68 -43.53
N THR J 117 -0.16 4.41 -44.18
CA THR J 117 -0.48 4.95 -45.50
C THR J 117 -0.68 3.82 -46.50
N LYS J 118 0.09 2.74 -46.38
CA LYS J 118 -0.10 1.60 -47.25
C LYS J 118 -1.50 1.00 -47.09
N TYR J 119 -1.91 0.79 -45.85
CA TYR J 119 -3.24 0.21 -45.64
C TYR J 119 -4.34 1.16 -46.12
N THR J 120 -4.20 2.45 -45.83
CA THR J 120 -5.20 3.41 -46.28
C THR J 120 -5.29 3.46 -47.79
N SER J 121 -4.17 3.20 -48.47
CA SER J 121 -4.22 3.07 -49.92
C SER J 121 -5.10 1.89 -50.32
N ALA J 122 -4.99 0.77 -49.60
CA ALA J 122 -5.80 -0.40 -49.86
C ALA J 122 -7.05 -0.37 -48.98
N LYS J 123 -7.76 -1.49 -48.90
CA LYS J 123 -8.92 -1.60 -48.03
C LYS J 123 -9.16 -3.04 -47.59
N HIS K 40 53.67 -30.71 -11.67
CA HIS K 40 54.37 -29.49 -11.28
C HIS K 40 53.41 -28.49 -10.65
N ARG K 41 53.83 -27.91 -9.53
CA ARG K 41 52.96 -27.04 -8.75
C ARG K 41 52.66 -25.75 -9.50
N TYR K 42 51.41 -25.31 -9.44
CA TYR K 42 50.98 -24.05 -10.03
C TYR K 42 50.57 -23.10 -8.91
N ARG K 43 51.13 -21.88 -8.93
CA ARG K 43 50.85 -20.91 -7.90
C ARG K 43 49.40 -20.41 -8.01
N PRO K 44 48.86 -19.85 -6.93
CA PRO K 44 47.51 -19.29 -6.99
C PRO K 44 47.38 -18.19 -8.04
N GLY K 45 46.23 -18.17 -8.71
CA GLY K 45 45.91 -17.10 -9.62
C GLY K 45 45.77 -17.49 -11.08
N THR K 46 46.67 -18.35 -11.57
CA THR K 46 46.67 -18.68 -12.99
C THR K 46 45.49 -19.56 -13.36
N VAL K 47 45.40 -20.75 -12.75
CA VAL K 47 44.25 -21.62 -12.99
C VAL K 47 42.98 -20.94 -12.52
N ALA K 48 43.09 -20.06 -11.53
CA ALA K 48 41.94 -19.27 -11.10
C ALA K 48 41.38 -18.45 -12.25
N LEU K 49 42.25 -17.68 -12.93
CA LEU K 49 41.79 -16.85 -14.04
C LEU K 49 41.36 -17.70 -15.23
N ARG K 50 41.99 -18.84 -15.43
CA ARG K 50 41.54 -19.75 -16.48
C ARG K 50 40.11 -20.20 -16.22
N GLU K 51 39.78 -20.52 -14.97
CA GLU K 51 38.40 -20.85 -14.64
C GLU K 51 37.50 -19.64 -14.72
N ILE K 52 38.01 -18.44 -14.40
CA ILE K 52 37.25 -17.22 -14.60
C ILE K 52 36.74 -17.15 -16.03
N ARG K 53 37.66 -17.23 -16.99
CA ARG K 53 37.28 -17.06 -18.38
C ARG K 53 36.44 -18.25 -18.88
N ARG K 54 36.76 -19.46 -18.43
CA ARG K 54 35.98 -20.62 -18.86
C ARG K 54 34.54 -20.54 -18.38
N TYR K 55 34.33 -20.06 -17.15
CA TYR K 55 32.98 -19.90 -16.66
C TYR K 55 32.31 -18.63 -17.15
N GLN K 56 33.09 -17.66 -17.64
CA GLN K 56 32.50 -16.50 -18.29
C GLN K 56 31.94 -16.86 -19.66
N LYS K 57 32.67 -17.66 -20.43
CA LYS K 57 32.16 -18.10 -21.71
C LYS K 57 31.00 -19.09 -21.53
N SER K 58 31.06 -19.92 -20.49
CA SER K 58 30.02 -20.89 -20.23
C SER K 58 28.86 -20.25 -19.49
N THR K 59 27.65 -20.75 -19.74
CA THR K 59 26.45 -20.25 -19.09
C THR K 59 25.65 -21.33 -18.40
N GLU K 60 25.89 -22.61 -18.69
CA GLU K 60 25.06 -23.69 -18.19
C GLU K 60 25.11 -23.72 -16.66
N LEU K 61 24.13 -24.42 -16.07
CA LEU K 61 24.00 -24.48 -14.63
C LEU K 61 25.24 -25.14 -14.01
N LEU K 62 25.85 -24.46 -13.05
CA LEU K 62 26.93 -25.07 -12.29
C LEU K 62 26.42 -25.73 -11.01
N ILE K 63 25.36 -25.18 -10.42
CA ILE K 63 24.75 -25.81 -9.26
C ILE K 63 24.10 -27.11 -9.68
N ARG K 64 24.44 -28.19 -8.95
CA ARG K 64 23.84 -29.48 -9.26
C ARG K 64 22.34 -29.44 -9.05
N LYS K 65 21.60 -30.01 -10.01
CA LYS K 65 20.18 -29.71 -10.14
C LYS K 65 19.39 -30.25 -8.96
N LEU K 66 19.56 -31.53 -8.64
CA LEU K 66 18.74 -32.16 -7.61
C LEU K 66 18.93 -31.56 -6.22
N PRO K 67 20.14 -31.27 -5.74
CA PRO K 67 20.24 -30.68 -4.39
C PRO K 67 19.53 -29.36 -4.23
N PHE K 68 19.74 -28.41 -5.15
CA PHE K 68 19.03 -27.16 -5.06
C PHE K 68 17.54 -27.34 -5.33
N GLN K 69 17.18 -28.33 -6.14
CA GLN K 69 15.78 -28.68 -6.31
C GLN K 69 15.16 -29.10 -4.99
N ARG K 70 15.86 -29.92 -4.21
CA ARG K 70 15.39 -30.29 -2.89
C ARG K 70 15.31 -29.07 -1.98
N LEU K 71 16.31 -28.20 -2.06
CA LEU K 71 16.30 -26.96 -1.30
C LEU K 71 15.01 -26.18 -1.54
N VAL K 72 14.68 -25.97 -2.81
CA VAL K 72 13.50 -25.16 -3.12
C VAL K 72 12.22 -25.94 -2.87
N ARG K 73 12.25 -27.26 -3.01
CA ARG K 73 11.08 -28.07 -2.65
C ARG K 73 10.75 -27.91 -1.18
N GLU K 74 11.78 -27.91 -0.34
CA GLU K 74 11.55 -27.77 1.09
C GLU K 74 11.18 -26.34 1.45
N ILE K 75 11.77 -25.36 0.77
CA ILE K 75 11.40 -23.96 1.02
C ILE K 75 9.95 -23.71 0.60
N ALA K 76 9.58 -24.19 -0.59
CA ALA K 76 8.20 -23.99 -1.05
C ALA K 76 7.21 -24.73 -0.17
N GLN K 77 7.67 -25.75 0.55
CA GLN K 77 6.78 -26.53 1.41
C GLN K 77 6.48 -25.81 2.72
N ASP K 78 7.21 -24.73 3.03
CA ASP K 78 7.08 -24.06 4.31
C ASP K 78 5.73 -23.39 4.51
N PHE K 79 4.99 -23.13 3.43
CA PHE K 79 3.73 -22.41 3.53
C PHE K 79 2.53 -23.26 3.12
N LYS K 80 2.61 -23.94 1.98
CA LYS K 80 1.50 -24.70 1.44
C LYS K 80 1.90 -26.16 1.33
N THR K 81 0.90 -27.04 1.36
CA THR K 81 1.12 -28.48 1.31
C THR K 81 0.48 -29.08 0.07
N ASP K 82 0.79 -30.36 -0.16
CA ASP K 82 0.33 -31.10 -1.34
C ASP K 82 0.65 -30.34 -2.62
N LEU K 83 1.89 -29.85 -2.69
CA LEU K 83 2.35 -29.07 -3.82
C LEU K 83 3.12 -29.99 -4.76
N ARG K 84 2.53 -30.30 -5.91
CA ARG K 84 3.31 -30.87 -6.99
C ARG K 84 4.16 -29.76 -7.62
N PHE K 85 5.13 -30.16 -8.44
CA PHE K 85 6.09 -29.17 -8.94
C PHE K 85 6.49 -29.51 -10.36
N GLN K 86 5.96 -28.75 -11.32
CA GLN K 86 6.34 -28.90 -12.72
C GLN K 86 7.70 -28.30 -12.95
N SER K 87 8.51 -28.97 -13.77
CA SER K 87 9.92 -28.62 -13.88
C SER K 87 10.13 -27.25 -14.52
N SER K 88 9.14 -26.75 -15.25
CA SER K 88 9.31 -25.46 -15.91
C SER K 88 9.51 -24.34 -14.91
N ALA K 89 8.60 -24.23 -13.93
CA ALA K 89 8.75 -23.23 -12.88
C ALA K 89 10.01 -23.50 -12.08
N VAL K 90 10.38 -24.77 -11.93
CA VAL K 90 11.61 -25.12 -11.22
C VAL K 90 12.81 -24.49 -11.91
N MET K 91 12.92 -24.70 -13.21
CA MET K 91 14.07 -24.18 -13.95
C MET K 91 14.05 -22.66 -13.96
N ALA K 92 12.87 -22.07 -14.13
CA ALA K 92 12.78 -20.61 -14.09
C ALA K 92 13.24 -20.08 -12.75
N LEU K 93 12.85 -20.75 -11.66
CA LEU K 93 13.29 -20.36 -10.34
C LEU K 93 14.81 -20.44 -10.23
N GLN K 94 15.38 -21.53 -10.75
CA GLN K 94 16.83 -21.69 -10.71
C GLN K 94 17.52 -20.55 -11.43
N GLU K 95 17.00 -20.18 -12.60
CA GLU K 95 17.64 -19.13 -13.38
C GLU K 95 17.47 -17.77 -12.72
N ALA K 96 16.32 -17.51 -12.11
CA ALA K 96 16.14 -16.27 -11.38
C ALA K 96 17.14 -16.17 -10.24
N SER K 97 17.27 -17.27 -9.48
CA SER K 97 18.24 -17.29 -8.40
C SER K 97 19.64 -17.04 -8.93
N GLU K 98 20.00 -17.70 -10.03
CA GLU K 98 21.35 -17.59 -10.54
C GLU K 98 21.64 -16.19 -11.07
N ALA K 99 20.67 -15.56 -11.75
CA ALA K 99 20.86 -14.19 -12.20
C ALA K 99 21.04 -13.25 -11.02
N TYR K 100 20.21 -13.44 -10.00
CA TYR K 100 20.38 -12.66 -8.78
C TYR K 100 21.79 -12.85 -8.22
N LEU K 101 22.25 -14.10 -8.19
CA LEU K 101 23.57 -14.40 -7.65
C LEU K 101 24.67 -13.74 -8.46
N VAL K 102 24.57 -13.78 -9.78
CA VAL K 102 25.64 -13.24 -10.60
C VAL K 102 25.68 -11.73 -10.47
N ALA K 103 24.51 -11.10 -10.38
CA ALA K 103 24.48 -9.69 -10.00
C ALA K 103 25.22 -9.48 -8.69
N LEU K 104 24.98 -10.37 -7.72
CA LEU K 104 25.64 -10.27 -6.43
C LEU K 104 27.16 -10.30 -6.60
N PHE K 105 27.67 -11.30 -7.32
CA PHE K 105 29.12 -11.42 -7.46
C PHE K 105 29.73 -10.24 -8.20
N GLU K 106 29.12 -9.83 -9.32
CA GLU K 106 29.72 -8.76 -10.08
C GLU K 106 29.77 -7.48 -9.25
N ASP K 107 28.67 -7.17 -8.57
CA ASP K 107 28.66 -5.95 -7.77
C ASP K 107 29.54 -6.10 -6.53
N THR K 108 29.68 -7.33 -6.02
CA THR K 108 30.55 -7.56 -4.87
C THR K 108 32.00 -7.32 -5.24
N ASN K 109 32.42 -7.84 -6.39
CA ASN K 109 33.78 -7.60 -6.85
C ASN K 109 33.99 -6.12 -7.11
N LEU K 110 32.99 -5.45 -7.70
CA LEU K 110 33.10 -4.02 -7.92
C LEU K 110 33.26 -3.27 -6.60
N CYS K 111 32.50 -3.67 -5.58
CA CYS K 111 32.62 -3.03 -4.27
C CYS K 111 33.99 -3.27 -3.67
N ALA K 112 34.52 -4.49 -3.79
CA ALA K 112 35.85 -4.78 -3.29
C ALA K 112 36.88 -3.93 -4.00
N ILE K 113 36.70 -3.71 -5.30
CA ILE K 113 37.54 -2.76 -6.02
C ILE K 113 37.43 -1.39 -5.38
N HIS K 114 36.19 -0.95 -5.11
CA HIS K 114 35.96 0.35 -4.51
C HIS K 114 36.59 0.45 -3.13
N ALA K 115 36.69 -0.67 -2.42
CA ALA K 115 37.23 -0.69 -1.07
C ALA K 115 38.71 -1.02 -1.03
N LYS K 116 39.38 -1.00 -2.18
CA LYS K 116 40.81 -1.28 -2.28
C LYS K 116 41.13 -2.68 -1.77
N ARG K 117 40.50 -3.67 -2.40
CA ARG K 117 40.74 -5.07 -2.07
C ARG K 117 40.48 -5.93 -3.30
N VAL K 118 41.03 -7.13 -3.27
CA VAL K 118 40.66 -8.18 -4.22
C VAL K 118 40.11 -9.41 -3.53
N THR K 119 40.23 -9.51 -2.21
CA THR K 119 39.56 -10.54 -1.43
C THR K 119 38.27 -9.97 -0.87
N ILE K 120 37.21 -10.77 -0.91
CA ILE K 120 35.87 -10.31 -0.55
C ILE K 120 35.50 -10.86 0.81
N MET K 121 35.02 -9.98 1.69
CA MET K 121 34.40 -10.33 2.95
C MET K 121 33.02 -9.68 2.99
N PRO K 122 32.10 -10.23 3.78
CA PRO K 122 30.67 -9.92 3.59
C PRO K 122 30.29 -8.46 3.73
N LYS K 123 31.13 -7.59 4.31
CA LYS K 123 30.78 -6.17 4.37
C LYS K 123 30.42 -5.63 3.00
N ASP K 124 31.08 -6.15 1.96
CA ASP K 124 30.83 -5.70 0.60
C ASP K 124 29.38 -5.98 0.19
N ILE K 125 28.85 -7.15 0.54
CA ILE K 125 27.52 -7.52 0.05
C ILE K 125 26.45 -6.66 0.73
N GLN K 126 26.59 -6.41 2.03
CA GLN K 126 25.61 -5.54 2.68
C GLN K 126 25.68 -4.14 2.08
N LEU K 127 26.90 -3.62 1.90
CA LEU K 127 27.02 -2.31 1.27
C LEU K 127 26.35 -2.27 -0.09
N ALA K 128 26.61 -3.29 -0.92
CA ALA K 128 26.11 -3.27 -2.29
C ALA K 128 24.60 -3.38 -2.33
N ARG K 129 24.04 -4.36 -1.63
CA ARG K 129 22.60 -4.53 -1.65
C ARG K 129 21.89 -3.34 -1.02
N ARG K 130 22.51 -2.69 -0.04
CA ARG K 130 21.90 -1.50 0.54
C ARG K 130 21.92 -0.35 -0.46
N ILE K 131 23.00 -0.22 -1.23
CA ILE K 131 23.02 0.79 -2.29
C ILE K 131 21.92 0.50 -3.30
N ARG K 132 21.81 -0.76 -3.73
CA ARG K 132 20.79 -1.11 -4.71
C ARG K 132 19.40 -0.81 -4.18
N GLY K 133 19.16 -1.07 -2.90
CA GLY K 133 17.90 -0.76 -2.26
C GLY K 133 17.12 -1.95 -1.75
N GLU K 134 17.63 -3.17 -1.88
CA GLU K 134 16.86 -4.33 -1.45
C GLU K 134 16.93 -4.51 0.06
N ARG K 135 18.14 -4.75 0.59
CA ARG K 135 18.28 -4.96 2.01
C ARG K 135 18.15 -3.63 2.76
N ALA K 136 18.23 -3.72 4.08
CA ALA K 136 18.26 -2.54 4.93
C ALA K 136 19.60 -1.83 4.78
N ASN L 26 20.66 -29.32 0.80
CA ASN L 26 19.92 -28.09 0.50
C ASN L 26 20.88 -26.91 0.39
N ILE L 27 20.96 -26.11 1.45
CA ILE L 27 21.92 -25.01 1.47
C ILE L 27 23.35 -25.50 1.52
N GLN L 28 23.55 -26.77 1.82
CA GLN L 28 24.82 -27.43 1.59
C GLN L 28 24.76 -28.41 0.42
N GLY L 29 23.56 -28.65 -0.13
CA GLY L 29 23.48 -29.14 -1.48
C GLY L 29 24.03 -28.15 -2.48
N ILE L 30 24.22 -26.90 -2.05
CA ILE L 30 25.10 -25.96 -2.72
C ILE L 30 26.35 -25.86 -1.86
N THR L 31 27.49 -26.30 -2.39
CA THR L 31 28.70 -26.45 -1.62
C THR L 31 29.65 -25.28 -1.83
N LYS L 32 30.73 -25.29 -1.06
CA LYS L 32 31.77 -24.28 -1.23
C LYS L 32 32.37 -24.29 -2.63
N PRO L 33 32.70 -25.44 -3.24
CA PRO L 33 33.13 -25.41 -4.65
C PRO L 33 32.07 -24.88 -5.60
N ALA L 34 30.79 -25.11 -5.29
CA ALA L 34 29.73 -24.51 -6.10
C ALA L 34 29.81 -22.98 -6.02
N ILE L 35 30.02 -22.46 -4.81
CA ILE L 35 30.19 -21.02 -4.65
C ILE L 35 31.43 -20.54 -5.38
N ARG L 36 32.48 -21.36 -5.40
CA ARG L 36 33.66 -21.02 -6.18
C ARG L 36 33.32 -20.87 -7.65
N ARG L 37 32.61 -21.83 -8.20
CA ARG L 37 32.24 -21.75 -9.61
C ARG L 37 31.38 -20.53 -9.88
N LEU L 38 30.43 -20.25 -8.99
CA LEU L 38 29.61 -19.06 -9.12
C LEU L 38 30.47 -17.79 -9.12
N ALA L 39 31.43 -17.71 -8.21
CA ALA L 39 32.28 -16.52 -8.12
C ALA L 39 33.17 -16.37 -9.34
N ARG L 40 33.69 -17.50 -9.85
CA ARG L 40 34.45 -17.43 -11.09
C ARG L 40 33.59 -16.93 -12.24
N ARG L 41 32.33 -17.37 -12.30
CA ARG L 41 31.43 -16.79 -13.30
C ARG L 41 31.28 -15.29 -13.10
N GLY L 42 31.19 -14.85 -11.84
CA GLY L 42 31.07 -13.45 -11.52
C GLY L 42 32.37 -12.68 -11.51
N GLY L 43 33.50 -13.34 -11.78
CA GLY L 43 34.78 -12.67 -11.80
C GLY L 43 35.45 -12.47 -10.46
N VAL L 44 34.80 -12.87 -9.36
CA VAL L 44 35.42 -12.74 -8.05
C VAL L 44 36.64 -13.65 -7.97
N LYS L 45 37.69 -13.17 -7.30
CA LYS L 45 38.97 -13.87 -7.24
C LYS L 45 39.22 -14.55 -5.90
N ARG L 46 39.21 -13.78 -4.81
CA ARG L 46 39.53 -14.31 -3.49
C ARG L 46 38.32 -14.16 -2.58
N ILE L 47 37.95 -15.23 -1.88
CA ILE L 47 36.70 -15.30 -1.13
C ILE L 47 37.00 -15.55 0.34
N SER L 48 36.23 -14.91 1.20
CA SER L 48 36.23 -15.21 2.63
C SER L 48 35.23 -16.32 2.94
N GLY L 49 35.43 -16.96 4.09
CA GLY L 49 34.52 -18.02 4.50
C GLY L 49 33.12 -17.52 4.78
N LEU L 50 33.01 -16.41 5.54
CA LEU L 50 31.70 -15.89 5.90
C LEU L 50 30.90 -15.47 4.67
N ILE L 51 31.58 -15.17 3.57
CA ILE L 51 30.90 -14.87 2.32
C ILE L 51 29.97 -16.00 1.93
N TYR L 52 30.43 -17.24 2.06
CA TYR L 52 29.64 -18.40 1.65
C TYR L 52 28.27 -18.38 2.32
N GLU L 53 28.24 -18.42 3.65
CA GLU L 53 26.96 -18.49 4.34
C GLU L 53 26.19 -17.18 4.24
N GLU L 54 26.87 -16.04 4.16
CA GLU L 54 26.16 -14.77 4.01
C GLU L 54 25.39 -14.75 2.70
N THR L 55 26.04 -15.13 1.60
CA THR L 55 25.35 -15.21 0.32
C THR L 55 24.30 -16.30 0.32
N ARG L 56 24.55 -17.40 1.01
CA ARG L 56 23.52 -18.43 1.14
C ARG L 56 22.27 -17.88 1.77
N GLY L 57 22.42 -17.07 2.83
CA GLY L 57 21.27 -16.48 3.48
C GLY L 57 20.57 -15.45 2.63
N VAL L 58 21.34 -14.66 1.87
CA VAL L 58 20.71 -13.70 0.95
C VAL L 58 19.89 -14.45 -0.09
N LEU L 59 20.44 -15.54 -0.62
CA LEU L 59 19.68 -16.40 -1.52
C LEU L 59 18.40 -16.90 -0.83
N LYS L 60 18.53 -17.34 0.42
CA LYS L 60 17.37 -17.83 1.15
C LYS L 60 16.26 -16.79 1.18
N VAL L 61 16.60 -15.56 1.58
CA VAL L 61 15.57 -14.55 1.76
C VAL L 61 14.94 -14.17 0.43
N PHE L 62 15.76 -13.97 -0.61
CA PHE L 62 15.21 -13.58 -1.90
C PHE L 62 14.31 -14.68 -2.46
N LEU L 63 14.80 -15.93 -2.41
CA LEU L 63 14.04 -17.06 -2.91
C LEU L 63 12.74 -17.25 -2.14
N GLU L 64 12.77 -16.99 -0.83
CA GLU L 64 11.57 -17.14 -0.03
C GLU L 64 10.52 -16.09 -0.39
N ASN L 65 10.95 -14.83 -0.58
CA ASN L 65 9.99 -13.82 -1.02
C ASN L 65 9.40 -14.19 -2.38
N VAL L 66 10.25 -14.67 -3.29
CA VAL L 66 9.78 -15.04 -4.62
C VAL L 66 8.73 -16.13 -4.53
N ILE L 67 9.03 -17.21 -3.78
CA ILE L 67 8.07 -18.31 -3.70
C ILE L 67 6.83 -17.89 -2.93
N ARG L 68 6.95 -16.94 -2.00
CA ARG L 68 5.75 -16.48 -1.29
C ARG L 68 4.79 -15.79 -2.26
N ASP L 69 5.31 -14.92 -3.13
CA ASP L 69 4.43 -14.34 -4.15
C ASP L 69 3.93 -15.43 -5.08
N ALA L 70 4.80 -16.37 -5.45
CA ALA L 70 4.43 -17.44 -6.34
C ALA L 70 3.22 -18.21 -5.81
N VAL L 71 3.30 -18.67 -4.57
CA VAL L 71 2.22 -19.46 -4.01
C VAL L 71 0.97 -18.61 -3.80
N THR L 72 1.14 -17.36 -3.33
CA THR L 72 -0.05 -16.56 -3.07
C THR L 72 -0.85 -16.36 -4.35
N TYR L 73 -0.17 -16.23 -5.49
CA TYR L 73 -0.95 -16.07 -6.71
C TYR L 73 -1.09 -17.36 -7.50
N THR L 74 -0.57 -18.47 -6.97
CA THR L 74 -0.91 -19.79 -7.48
C THR L 74 -2.24 -20.25 -6.92
N GLU L 75 -2.34 -20.36 -5.59
CA GLU L 75 -3.62 -20.71 -5.00
C GLU L 75 -4.58 -19.53 -4.95
N HIS L 76 -4.09 -18.31 -5.21
CA HIS L 76 -5.02 -17.26 -5.59
C HIS L 76 -5.74 -17.63 -6.88
N ALA L 77 -5.00 -18.19 -7.84
CA ALA L 77 -5.59 -18.78 -9.03
C ALA L 77 -5.96 -20.24 -8.80
N LYS L 78 -6.18 -20.63 -7.55
CA LYS L 78 -6.64 -21.97 -7.15
C LYS L 78 -5.94 -23.07 -7.92
N ARG L 79 -4.63 -23.12 -7.76
CA ARG L 79 -3.81 -24.15 -8.37
C ARG L 79 -2.95 -24.83 -7.32
N LYS L 80 -2.83 -26.15 -7.42
CA LYS L 80 -2.00 -26.91 -6.48
C LYS L 80 -0.51 -26.73 -6.75
N THR L 81 -0.13 -26.24 -7.92
CA THR L 81 1.26 -26.18 -8.34
C THR L 81 1.59 -24.77 -8.83
N VAL L 82 2.71 -24.23 -8.36
CA VAL L 82 3.14 -22.90 -8.77
C VAL L 82 3.54 -22.96 -10.25
N THR L 83 2.80 -22.25 -11.08
CA THR L 83 3.07 -22.25 -12.51
C THR L 83 4.22 -21.31 -12.84
N ALA L 84 4.95 -21.67 -13.89
CA ALA L 84 6.07 -20.85 -14.33
C ALA L 84 5.60 -19.47 -14.78
N MET L 85 4.39 -19.39 -15.33
CA MET L 85 3.84 -18.08 -15.67
C MET L 85 3.61 -17.24 -14.43
N ASP L 86 3.11 -17.87 -13.36
CA ASP L 86 2.97 -17.14 -12.11
C ASP L 86 4.33 -16.72 -11.59
N VAL L 87 5.34 -17.55 -11.81
CA VAL L 87 6.71 -17.17 -11.51
C VAL L 87 7.09 -15.93 -12.30
N VAL L 88 6.73 -15.90 -13.58
CA VAL L 88 7.03 -14.75 -14.42
C VAL L 88 6.37 -13.50 -13.86
N TYR L 89 5.11 -13.63 -13.43
CA TYR L 89 4.43 -12.50 -12.83
C TYR L 89 5.13 -12.03 -11.57
N ALA L 90 5.51 -12.95 -10.70
CA ALA L 90 6.15 -12.57 -9.46
C ALA L 90 7.47 -11.86 -9.72
N LEU L 91 8.25 -12.38 -10.67
CA LEU L 91 9.56 -11.78 -10.95
C LEU L 91 9.40 -10.44 -11.66
N LYS L 92 8.38 -10.31 -12.51
CA LYS L 92 8.18 -9.01 -13.15
C LYS L 92 7.67 -7.99 -12.14
N ARG L 93 6.96 -8.45 -11.10
CA ARG L 93 6.59 -7.55 -10.02
C ARG L 93 7.85 -7.04 -9.33
N GLN L 94 8.81 -7.93 -9.08
CA GLN L 94 10.08 -7.52 -8.52
C GLN L 94 11.00 -6.89 -9.57
N GLY L 95 10.47 -6.57 -10.75
CA GLY L 95 11.22 -5.83 -11.74
C GLY L 95 12.34 -6.60 -12.40
N ARG L 96 12.31 -7.92 -12.34
CA ARG L 96 13.44 -8.74 -12.78
C ARG L 96 13.03 -9.58 -13.98
N THR L 97 12.41 -8.92 -14.96
CA THR L 97 11.78 -9.62 -16.07
C THR L 97 12.77 -10.52 -16.81
N LEU L 98 12.29 -11.70 -17.18
CA LEU L 98 13.08 -12.67 -17.93
C LEU L 98 12.21 -13.29 -19.01
N TYR L 99 12.78 -13.41 -20.21
CA TYR L 99 12.06 -13.91 -21.36
C TYR L 99 12.17 -15.43 -21.46
N GLY L 100 11.29 -16.01 -22.27
CA GLY L 100 11.37 -17.42 -22.63
C GLY L 100 10.55 -18.35 -21.78
N PHE L 101 9.28 -18.02 -21.54
CA PHE L 101 8.43 -18.86 -20.70
C PHE L 101 7.00 -18.94 -21.22
N GLY L 102 6.80 -18.68 -22.51
CA GLY L 102 5.51 -18.90 -23.14
C GLY L 102 4.34 -18.12 -22.55
N GLY L 103 4.54 -16.83 -22.31
CA GLY L 103 3.48 -16.00 -21.76
C GLY L 103 2.27 -15.84 -22.66
#